data_6V82
#
_entry.id   6V82
#
_cell.length_a   114.923
_cell.length_b   133.901
_cell.length_c   128.428
_cell.angle_alpha   90.00
_cell.angle_beta   90.00
_cell.angle_gamma   90.00
#
_symmetry.space_group_name_H-M   'C 2 2 21'
#
loop_
_entity.id
_entity.type
_entity.pdbx_description
1 polymer 'Tryptophan synthase alpha chain'
2 polymer 'Tryptophan synthase beta chain'
3 branched beta-D-fructofuranose-(2-1)-alpha-D-glucopyranose
4 non-polymer 'SULFATE ION'
5 water water
#
loop_
_entity_poly.entity_id
_entity_poly.type
_entity_poly.pdbx_seq_one_letter_code
_entity_poly.pdbx_strand_id
1 'polypeptide(L)'
;MSKLTQVFKQTKLCIGYLTAGDGGTSYTIEAAKALIQGGVDILELGFPFSDPVADNPEIQVSHDRALAENLTSETLLEIV
EGIRAFNQEVPLILYSYYNPLLQRDLDYLRRLKDAGINGVCVIDLPAPLSHGEKSPFFEDLLAVGLDPILLISAGTTPER
MSLIQEYARGFLYYIPCQATRDSEVGIKEEFRKVREHFDLPIVDRRDICDKKEAAHVLNYSDGFIVKTAFVHQTTMDSSV
ETLTALAQTVIPG
;
A
2 'polypeptide(L)'
;MFKHKHPFGGAFLPEELLAPIQNLKAEWEILKTQQSFLSELDCILKNYAGRQTPLTEVKNFARAIDGPRVFLKREDLLHT
GAH(LLP)LNNALGQCLLAKYLGKTRVVAETGAGQHGVATATACAYLGLDCVVYMGAKDVERQKPNVEKMRFLGAEVVSV
TKGSCGLKDAVNQALQDWATTHSFTHYCLGSALGPLPYPDIVRFFQSVISAEVKEQIHAVAGRDPDILIACIGGGSNAIG
FFHHFIPNPKVQLIGVEGGGLGISSGKHAARFATGRPGVFHGFYSYLLQDDDGQVLQTHSISAGLDYPSVGPDHAEMHES
GRAFYTLATDEEALRAFFLLTRNEGIIPALESSHALAHLVSIAPSLPKEQIVIVNLSGRGDKDLPQIIRRNRGIYE
;
B
#
# COMPACT_ATOMS: atom_id res chain seq x y z
N SER A 2 28.19 18.91 -5.03
CA SER A 2 29.38 19.42 -5.70
C SER A 2 29.00 20.07 -7.03
N LYS A 3 27.99 19.50 -7.69
CA LYS A 3 27.40 20.09 -8.88
C LYS A 3 26.09 20.78 -8.56
N LEU A 4 25.31 20.21 -7.63
CA LEU A 4 24.19 20.94 -7.07
C LEU A 4 24.65 22.13 -6.27
N THR A 5 25.67 21.96 -5.43
CA THR A 5 26.17 23.07 -4.64
C THR A 5 26.66 24.21 -5.52
N GLN A 6 27.28 23.88 -6.66
CA GLN A 6 27.70 24.91 -7.59
C GLN A 6 26.51 25.70 -8.11
N VAL A 7 25.45 25.01 -8.54
CA VAL A 7 24.37 25.70 -9.22
C VAL A 7 23.63 26.64 -8.28
N PHE A 8 23.62 26.35 -6.98
CA PHE A 8 22.93 27.22 -6.03
C PHE A 8 23.76 28.43 -5.61
N LYS A 9 24.99 28.55 -6.13
CA LYS A 9 25.71 29.82 -5.99
C LYS A 9 24.99 30.92 -6.76
N GLN A 10 24.40 30.60 -7.91
CA GLN A 10 23.38 31.45 -8.48
C GLN A 10 22.12 31.32 -7.62
N THR A 11 21.32 32.37 -7.63
CA THR A 11 20.16 32.40 -6.77
C THR A 11 18.88 32.19 -7.58
N LYS A 12 17.85 31.71 -6.90
CA LYS A 12 16.50 31.61 -7.44
C LYS A 12 16.48 30.75 -8.71
N LEU A 13 16.59 29.45 -8.49
CA LEU A 13 16.65 28.44 -9.54
C LEU A 13 15.27 27.88 -9.85
N CYS A 14 15.11 27.39 -11.08
CA CYS A 14 13.88 26.74 -11.49
C CYS A 14 14.15 25.25 -11.68
N ILE A 15 13.43 24.42 -10.95
CA ILE A 15 13.49 22.96 -11.12
C ILE A 15 12.32 22.53 -11.99
N GLY A 16 12.61 21.72 -13.01
CA GLY A 16 11.59 21.23 -13.90
C GLY A 16 11.48 19.71 -13.85
N TYR A 17 10.24 19.21 -13.67
CA TYR A 17 9.99 17.79 -13.60
C TYR A 17 9.64 17.21 -14.96
N LEU A 18 10.21 16.04 -15.25
CA LEU A 18 9.78 15.21 -16.38
C LEU A 18 9.77 13.75 -15.95
N THR A 19 8.82 12.99 -16.48
CA THR A 19 8.78 11.55 -16.28
C THR A 19 9.68 10.87 -17.31
N ALA A 20 10.77 10.26 -16.84
CA ALA A 20 11.61 9.47 -17.73
C ALA A 20 10.79 8.42 -18.47
N GLY A 21 10.91 8.40 -19.80
CA GLY A 21 10.29 7.38 -20.59
C GLY A 21 8.87 7.67 -21.03
N ASP A 22 8.25 8.74 -20.53
CA ASP A 22 6.94 9.15 -21.02
C ASP A 22 7.11 9.65 -22.45
N GLY A 23 6.50 8.95 -23.41
CA GLY A 23 6.77 9.23 -24.80
C GLY A 23 7.96 8.49 -25.40
N GLY A 24 8.70 7.72 -24.60
CA GLY A 24 9.84 6.97 -25.08
C GLY A 24 11.17 7.63 -24.73
N THR A 25 12.25 6.89 -25.00
CA THR A 25 13.60 7.34 -24.69
C THR A 25 13.95 8.62 -25.44
N SER A 26 13.83 8.59 -26.78
CA SER A 26 14.17 9.77 -27.58
C SER A 26 13.38 10.99 -27.13
N TYR A 27 12.07 10.84 -26.97
CA TYR A 27 11.24 11.98 -26.61
C TYR A 27 11.67 12.56 -25.27
N THR A 28 11.95 11.70 -24.29
CA THR A 28 12.36 12.20 -22.99
C THR A 28 13.62 13.05 -23.11
N ILE A 29 14.55 12.61 -23.96
CA ILE A 29 15.78 13.36 -24.16
C ILE A 29 15.48 14.68 -24.84
N GLU A 30 14.62 14.65 -25.86
CA GLU A 30 14.21 15.88 -26.54
C GLU A 30 13.53 16.85 -25.58
N ALA A 31 12.61 16.35 -24.73
CA ALA A 31 11.93 17.25 -23.81
C ALA A 31 12.92 17.89 -22.83
N ALA A 32 13.87 17.09 -22.33
CA ALA A 32 14.88 17.63 -21.42
C ALA A 32 15.70 18.73 -22.10
N LYS A 33 16.13 18.51 -23.35
CA LYS A 33 16.81 19.58 -24.08
C LYS A 33 15.94 20.83 -24.13
N ALA A 34 14.64 20.66 -24.43
CA ALA A 34 13.75 21.80 -24.59
C ALA A 34 13.63 22.60 -23.29
N LEU A 35 13.62 21.91 -22.15
CA LEU A 35 13.50 22.60 -20.87
C LEU A 35 14.77 23.34 -20.53
N ILE A 36 15.92 22.74 -20.84
CA ILE A 36 17.20 23.40 -20.59
C ILE A 36 17.31 24.65 -21.43
N GLN A 37 16.98 24.56 -22.73
CA GLN A 37 17.00 25.74 -23.58
C GLN A 37 15.99 26.77 -23.13
N GLY A 38 14.92 26.33 -22.46
CA GLY A 38 13.92 27.23 -21.93
C GLY A 38 14.28 27.89 -20.62
N GLY A 39 15.44 27.56 -20.05
CA GLY A 39 15.94 28.23 -18.86
C GLY A 39 15.90 27.43 -17.59
N VAL A 40 15.41 26.17 -17.62
CA VAL A 40 15.33 25.36 -16.41
C VAL A 40 16.75 25.07 -15.90
N ASP A 41 16.96 25.25 -14.59
CA ASP A 41 18.31 25.14 -14.04
C ASP A 41 18.63 23.76 -13.51
N ILE A 42 17.60 23.00 -13.12
CA ILE A 42 17.79 21.68 -12.54
C ILE A 42 16.69 20.80 -13.10
N LEU A 43 17.05 19.66 -13.66
CA LEU A 43 16.06 18.70 -14.13
C LEU A 43 15.75 17.71 -13.01
N GLU A 44 14.47 17.51 -12.74
CA GLU A 44 14.02 16.46 -11.83
C GLU A 44 13.41 15.38 -12.69
N LEU A 45 14.12 14.27 -12.81
CA LEU A 45 13.77 13.19 -13.71
C LEU A 45 13.07 12.08 -12.93
N GLY A 46 11.80 11.83 -13.26
CA GLY A 46 11.03 10.85 -12.54
C GLY A 46 11.26 9.43 -13.03
N PHE A 47 11.71 8.56 -12.12
CA PHE A 47 11.66 7.11 -12.34
C PHE A 47 10.20 6.68 -12.16
N PRO A 48 9.51 6.33 -13.24
CA PRO A 48 8.08 6.01 -13.11
C PRO A 48 7.88 4.74 -12.30
N PHE A 49 6.91 4.78 -11.41
CA PHE A 49 6.60 3.66 -10.54
C PHE A 49 5.16 3.22 -10.81
N SER A 50 4.91 1.92 -10.68
CA SER A 50 3.58 1.41 -10.97
C SER A 50 2.53 1.90 -9.96
N ASP A 51 2.96 2.35 -8.77
CA ASP A 51 2.02 2.67 -7.69
C ASP A 51 2.45 3.94 -6.97
N PRO A 52 2.52 5.07 -7.70
CA PRO A 52 3.01 6.32 -7.10
C PRO A 52 1.93 7.04 -6.28
N VAL A 53 1.58 6.45 -5.13
CA VAL A 53 0.49 6.97 -4.30
C VAL A 53 0.76 8.37 -3.77
N ALA A 54 2.01 8.83 -3.77
CA ALA A 54 2.34 10.16 -3.25
C ALA A 54 2.36 11.24 -4.31
N ASP A 55 1.97 10.93 -5.55
CA ASP A 55 1.94 11.91 -6.61
C ASP A 55 0.51 12.18 -7.05
N ASN A 56 0.29 13.38 -7.60
CA ASN A 56 -1.06 13.75 -8.01
C ASN A 56 -1.44 12.98 -9.28
N PRO A 57 -2.74 12.89 -9.58
CA PRO A 57 -3.18 12.01 -10.68
C PRO A 57 -2.50 12.27 -12.02
N GLU A 58 -2.21 13.54 -12.35
CA GLU A 58 -1.53 13.86 -13.59
C GLU A 58 -0.23 13.10 -13.71
N ILE A 59 0.54 13.07 -12.62
CA ILE A 59 1.83 12.39 -12.63
C ILE A 59 1.63 10.88 -12.58
N GLN A 60 0.56 10.42 -11.90
CA GLN A 60 0.25 8.99 -11.90
C GLN A 60 0.04 8.49 -13.33
N VAL A 61 -0.81 9.18 -14.11
CA VAL A 61 -1.06 8.78 -15.49
C VAL A 61 0.21 8.90 -16.36
N SER A 62 1.06 9.89 -16.07
CA SER A 62 2.34 9.99 -16.74
C SER A 62 3.21 8.76 -16.49
N HIS A 63 3.31 8.34 -15.23
CA HIS A 63 4.04 7.11 -14.91
C HIS A 63 3.44 5.91 -15.65
N ASP A 64 2.11 5.81 -15.71
CA ASP A 64 1.48 4.72 -16.45
C ASP A 64 1.95 4.71 -17.91
N ARG A 65 1.99 5.90 -18.54
CA ARG A 65 2.39 5.97 -19.95
C ARG A 65 3.85 5.53 -20.13
N ALA A 66 4.73 5.98 -19.25
CA ALA A 66 6.14 5.66 -19.39
C ALA A 66 6.39 4.16 -19.27
N LEU A 67 5.69 3.49 -18.34
CA LEU A 67 5.88 2.06 -18.15
C LEU A 67 5.23 1.24 -19.26
N ALA A 68 4.12 1.71 -19.82
CA ALA A 68 3.55 1.05 -20.99
C ALA A 68 4.42 1.24 -22.22
N GLU A 69 5.27 2.25 -22.25
CA GLU A 69 6.27 2.41 -23.29
C GLU A 69 7.61 1.81 -22.89
N ASN A 70 7.61 0.94 -21.88
CA ASN A 70 8.73 0.05 -21.58
C ASN A 70 9.94 0.80 -21.03
N LEU A 71 9.72 1.80 -20.18
CA LEU A 71 10.85 2.33 -19.43
C LEU A 71 11.34 1.25 -18.47
N THR A 72 12.66 1.04 -18.47
CA THR A 72 13.32 0.08 -17.61
C THR A 72 14.45 0.78 -16.88
N SER A 73 15.04 0.08 -15.90
CA SER A 73 16.20 0.66 -15.23
C SER A 73 17.36 0.86 -16.20
N GLU A 74 17.37 0.15 -17.33
CA GLU A 74 18.40 0.28 -18.35
C GLU A 74 18.15 1.45 -19.30
N THR A 75 16.90 1.64 -19.79
CA THR A 75 16.69 2.76 -20.69
C THR A 75 16.71 4.10 -19.95
N LEU A 76 16.47 4.08 -18.64
CA LEU A 76 16.68 5.28 -17.84
C LEU A 76 18.13 5.74 -17.91
N LEU A 77 19.09 4.80 -17.88
CA LEU A 77 20.49 5.13 -18.10
C LEU A 77 20.70 5.72 -19.49
N GLU A 78 20.07 5.13 -20.52
CA GLU A 78 20.14 5.71 -21.86
C GLU A 78 19.64 7.14 -21.87
N ILE A 79 18.52 7.40 -21.18
CA ILE A 79 17.94 8.73 -21.15
C ILE A 79 18.91 9.72 -20.52
N VAL A 80 19.45 9.36 -19.35
CA VAL A 80 20.39 10.26 -18.67
C VAL A 80 21.62 10.48 -19.52
N GLU A 81 22.11 9.43 -20.18
CA GLU A 81 23.27 9.61 -21.06
C GLU A 81 22.92 10.47 -22.27
N GLY A 82 21.69 10.39 -22.78
CA GLY A 82 21.30 11.25 -23.88
C GLY A 82 21.22 12.71 -23.47
N ILE A 83 20.77 12.98 -22.25
CA ILE A 83 20.78 14.34 -21.72
C ILE A 83 22.20 14.85 -21.55
N ARG A 84 23.09 14.02 -21.00
CA ARG A 84 24.47 14.46 -20.77
C ARG A 84 25.25 14.62 -22.05
N ALA A 85 24.83 13.96 -23.14
CA ALA A 85 25.43 14.23 -24.45
C ALA A 85 25.02 15.58 -25.00
N PHE A 86 24.03 16.23 -24.39
CA PHE A 86 23.62 17.58 -24.75
C PHE A 86 24.21 18.63 -23.80
N ASN A 87 24.16 18.36 -22.50
CA ASN A 87 24.54 19.36 -21.51
C ASN A 87 25.09 18.63 -20.29
N GLN A 88 26.32 18.99 -19.89
CA GLN A 88 26.99 18.36 -18.76
C GLN A 88 27.15 19.30 -17.57
N GLU A 89 26.39 20.40 -17.52
CA GLU A 89 26.41 21.37 -16.44
C GLU A 89 25.16 21.31 -15.57
N VAL A 90 23.99 21.21 -16.19
CA VAL A 90 22.69 21.18 -15.53
C VAL A 90 22.59 20.01 -14.57
N PRO A 91 22.35 20.25 -13.28
CA PRO A 91 22.16 19.15 -12.32
C PRO A 91 20.94 18.31 -12.66
N LEU A 92 21.06 16.98 -12.44
CA LEU A 92 19.96 16.04 -12.64
C LEU A 92 19.63 15.38 -11.32
N ILE A 93 18.38 15.54 -10.87
CA ILE A 93 17.83 14.86 -9.70
C ILE A 93 17.03 13.66 -10.19
N LEU A 94 17.38 12.47 -9.74
CA LEU A 94 16.51 11.33 -9.95
C LEU A 94 15.44 11.34 -8.85
N TYR A 95 14.19 11.48 -9.25
CA TYR A 95 13.06 11.38 -8.35
C TYR A 95 12.44 10.00 -8.50
N SER A 96 12.25 9.29 -7.38
CA SER A 96 11.84 7.90 -7.47
C SER A 96 11.15 7.43 -6.21
N TYR A 97 10.35 6.39 -6.37
CA TYR A 97 9.91 5.59 -5.25
C TYR A 97 11.01 4.63 -4.84
N TYR A 98 10.89 4.10 -3.62
CA TYR A 98 12.00 3.35 -3.06
C TYR A 98 12.22 2.04 -3.79
N ASN A 99 11.13 1.33 -4.12
CA ASN A 99 11.28 -0.06 -4.55
C ASN A 99 12.08 -0.23 -5.84
N PRO A 100 11.88 0.56 -6.91
CA PRO A 100 12.74 0.38 -8.09
C PRO A 100 14.23 0.55 -7.79
N LEU A 101 14.60 1.30 -6.76
CA LEU A 101 16.01 1.39 -6.39
C LEU A 101 16.39 0.31 -5.38
N LEU A 102 15.48 -0.04 -4.48
CA LEU A 102 15.74 -1.15 -3.56
C LEU A 102 15.98 -2.46 -4.31
N GLN A 103 15.35 -2.64 -5.47
CA GLN A 103 15.50 -3.86 -6.24
C GLN A 103 16.77 -3.86 -7.09
N ARG A 104 17.43 -2.72 -7.23
CA ARG A 104 18.74 -2.64 -7.87
C ARG A 104 19.82 -2.85 -6.81
N ASP A 105 21.08 -2.67 -7.16
CA ASP A 105 22.16 -2.87 -6.22
C ASP A 105 23.06 -1.63 -6.18
N LEU A 106 24.13 -1.74 -5.39
CA LEU A 106 25.06 -0.63 -5.25
C LEU A 106 25.68 -0.28 -6.60
N ASP A 107 25.93 -1.28 -7.44
CA ASP A 107 26.57 -1.02 -8.72
C ASP A 107 25.66 -0.18 -9.61
N TYR A 108 24.35 -0.38 -9.52
CA TYR A 108 23.46 0.44 -10.33
C TYR A 108 23.52 1.90 -9.91
N LEU A 109 23.69 2.15 -8.61
CA LEU A 109 23.85 3.53 -8.15
C LEU A 109 25.09 4.17 -8.76
N ARG A 110 26.21 3.43 -8.78
CA ARG A 110 27.41 3.92 -9.45
C ARG A 110 27.16 4.18 -10.93
N ARG A 111 26.42 3.28 -11.59
CA ARG A 111 26.12 3.49 -13.01
C ARG A 111 25.27 4.75 -13.20
N LEU A 112 24.37 5.05 -12.25
CA LEU A 112 23.59 6.28 -12.34
C LEU A 112 24.50 7.51 -12.25
N LYS A 113 25.37 7.53 -11.22
CA LYS A 113 26.30 8.63 -11.05
C LYS A 113 27.14 8.82 -12.30
N ASP A 114 27.68 7.73 -12.84
CA ASP A 114 28.50 7.81 -14.05
C ASP A 114 27.69 8.29 -15.25
N ALA A 115 26.39 8.00 -15.30
CA ALA A 115 25.60 8.42 -16.45
C ALA A 115 25.34 9.92 -16.43
N GLY A 116 25.35 10.54 -15.25
CA GLY A 116 25.03 11.95 -15.14
C GLY A 116 24.14 12.35 -13.98
N ILE A 117 23.60 11.40 -13.21
CA ILE A 117 22.73 11.76 -12.10
C ILE A 117 23.57 12.37 -10.97
N ASN A 118 23.04 13.42 -10.33
CA ASN A 118 23.74 14.09 -9.24
C ASN A 118 23.06 13.97 -7.90
N GLY A 119 21.74 13.88 -7.88
CA GLY A 119 21.02 13.73 -6.63
C GLY A 119 19.93 12.71 -6.80
N VAL A 120 19.54 12.11 -5.69
CA VAL A 120 18.46 11.14 -5.65
C VAL A 120 17.47 11.56 -4.58
N CYS A 121 16.22 11.69 -4.97
CA CYS A 121 15.13 12.02 -4.06
C CYS A 121 14.19 10.81 -3.99
N VAL A 122 14.11 10.20 -2.82
CA VAL A 122 13.25 9.02 -2.63
C VAL A 122 12.07 9.45 -1.77
N ILE A 123 10.90 9.52 -2.41
CA ILE A 123 9.75 10.23 -1.82
C ILE A 123 9.13 9.43 -0.66
N ASP A 124 9.27 8.10 -0.67
CA ASP A 124 8.69 7.25 0.37
C ASP A 124 9.74 6.57 1.23
N LEU A 125 10.98 7.10 1.27
CA LEU A 125 12.01 6.61 2.17
C LEU A 125 12.40 7.73 3.12
N PRO A 126 11.74 7.85 4.27
CA PRO A 126 12.13 8.91 5.22
C PRO A 126 13.45 8.59 5.92
N ALA A 127 14.16 9.64 6.32
CA ALA A 127 15.36 9.48 7.14
C ALA A 127 15.01 8.72 8.41
N PRO A 128 15.93 7.91 8.92
CA PRO A 128 15.58 7.05 10.06
C PRO A 128 15.19 7.88 11.28
N LEU A 129 14.32 7.30 12.10
CA LEU A 129 13.79 8.05 13.23
C LEU A 129 14.73 8.05 14.42
N SER A 130 15.32 6.90 14.77
CA SER A 130 16.24 6.85 15.90
C SER A 130 17.56 7.51 15.53
N HIS A 131 18.13 8.23 16.50
CA HIS A 131 19.41 8.89 16.25
C HIS A 131 20.49 7.90 15.90
N GLY A 132 20.37 6.66 16.39
CA GLY A 132 21.35 5.63 16.08
C GLY A 132 21.11 4.96 14.75
N GLU A 133 19.89 4.46 14.55
CA GLU A 133 19.56 3.67 13.37
C GLU A 133 20.02 4.35 12.08
N LYS A 134 20.71 3.58 11.24
CA LYS A 134 21.23 4.09 9.97
C LYS A 134 20.32 3.67 8.82
N SER A 135 20.53 4.30 7.66
CA SER A 135 19.75 4.00 6.47
C SER A 135 20.65 3.35 5.45
N PRO A 136 20.47 2.07 5.15
CA PRO A 136 21.37 1.44 4.17
C PRO A 136 21.40 2.18 2.86
N PHE A 137 20.25 2.66 2.38
CA PHE A 137 20.23 3.27 1.06
C PHE A 137 20.87 4.66 1.06
N PHE A 138 20.62 5.47 2.09
CA PHE A 138 21.25 6.79 2.12
C PHE A 138 22.75 6.65 2.27
N GLU A 139 23.20 5.67 3.06
CA GLU A 139 24.61 5.37 3.13
C GLU A 139 25.15 5.02 1.75
N ASP A 140 24.42 4.16 1.02
CA ASP A 140 24.83 3.76 -0.31
C ASP A 140 24.95 4.95 -1.26
N LEU A 141 24.03 5.92 -1.15
CA LEU A 141 24.11 7.13 -1.97
C LEU A 141 25.39 7.90 -1.67
N LEU A 142 25.66 8.13 -0.38
CA LEU A 142 26.85 8.86 0.01
C LEU A 142 28.10 8.15 -0.45
N ALA A 143 28.10 6.81 -0.38
CA ALA A 143 29.29 6.04 -0.71
C ALA A 143 29.69 6.21 -2.17
N VAL A 144 28.72 6.45 -3.06
CA VAL A 144 29.02 6.59 -4.47
C VAL A 144 29.03 8.05 -4.93
N GLY A 145 28.79 9.00 -4.03
CA GLY A 145 28.87 10.41 -4.39
C GLY A 145 27.59 11.04 -4.91
N LEU A 146 26.44 10.39 -4.73
CA LEU A 146 25.16 10.98 -5.06
C LEU A 146 24.64 11.75 -3.87
N ASP A 147 23.97 12.87 -4.13
CA ASP A 147 23.40 13.69 -3.07
C ASP A 147 22.00 13.19 -2.72
N PRO A 148 21.76 12.73 -1.49
CA PRO A 148 20.39 12.41 -1.08
C PRO A 148 19.59 13.68 -0.86
N ILE A 149 18.49 13.83 -1.60
CA ILE A 149 17.64 15.01 -1.56
C ILE A 149 16.45 14.72 -0.67
N LEU A 150 16.42 15.31 0.52
CA LEU A 150 15.42 14.95 1.51
C LEU A 150 14.36 16.04 1.61
N LEU A 151 13.24 15.70 2.26
CA LEU A 151 12.09 16.58 2.39
C LEU A 151 11.76 16.79 3.87
N ILE A 152 11.59 18.05 4.29
CA ILE A 152 11.25 18.35 5.67
C ILE A 152 10.00 19.19 5.71
N SER A 153 9.32 19.10 6.83
CA SER A 153 8.08 19.81 7.11
C SER A 153 8.27 20.64 8.37
N ALA A 154 7.31 21.53 8.65
CA ALA A 154 7.37 22.31 9.88
C ALA A 154 7.38 21.39 11.10
N GLY A 155 6.53 20.36 11.08
CA GLY A 155 6.46 19.43 12.18
C GLY A 155 7.54 18.38 12.22
N THR A 156 8.64 18.57 11.49
CA THR A 156 9.75 17.62 11.56
C THR A 156 10.25 17.51 13.00
N THR A 157 10.21 16.30 13.54
CA THR A 157 10.66 16.10 14.91
C THR A 157 12.16 16.36 14.99
N PRO A 158 12.64 16.92 16.11
CA PRO A 158 14.09 17.12 16.27
C PRO A 158 14.91 15.85 16.01
N GLU A 159 14.34 14.67 16.29
CA GLU A 159 15.01 13.40 16.00
C GLU A 159 15.33 13.26 14.51
N ARG A 160 14.42 13.71 13.64
CA ARG A 160 14.71 13.76 12.22
C ARG A 160 15.79 14.78 11.94
N MET A 161 15.56 16.03 12.37
CA MET A 161 16.48 17.15 12.17
C MET A 161 17.94 16.73 12.27
N SER A 162 18.25 15.95 13.31
CA SER A 162 19.58 15.38 13.45
C SER A 162 19.89 14.44 12.30
N LEU A 163 19.10 13.38 12.15
CA LEU A 163 19.42 12.40 11.11
C LEU A 163 19.15 12.92 9.71
N ILE A 164 18.17 13.81 9.54
CA ILE A 164 18.00 14.45 8.24
C ILE A 164 19.25 15.24 7.88
N GLN A 165 19.82 15.97 8.85
CA GLN A 165 21.07 16.68 8.62
C GLN A 165 22.21 15.72 8.33
N GLU A 166 22.17 14.52 8.91
CA GLU A 166 23.21 13.52 8.65
C GLU A 166 23.32 13.21 7.16
N TYR A 167 22.18 12.94 6.50
CA TYR A 167 22.20 12.43 5.14
C TYR A 167 21.93 13.49 4.06
N ALA A 168 21.39 14.64 4.41
CA ALA A 168 21.03 15.62 3.40
C ALA A 168 22.27 16.22 2.75
N ARG A 169 22.23 16.33 1.42
CA ARG A 169 23.27 16.98 0.63
C ARG A 169 22.60 17.76 -0.49
N GLY A 170 23.34 18.70 -1.06
CA GLY A 170 22.82 19.49 -2.17
C GLY A 170 21.84 20.58 -1.77
N PHE A 171 20.57 20.20 -1.56
CA PHE A 171 19.56 21.14 -1.07
C PHE A 171 18.45 20.31 -0.43
N LEU A 172 17.60 21.00 0.34
CA LEU A 172 16.48 20.39 1.03
C LEU A 172 15.18 20.91 0.44
N TYR A 173 14.27 20.00 0.16
CA TYR A 173 12.90 20.40 -0.13
C TYR A 173 12.16 20.66 1.17
N TYR A 174 11.28 21.66 1.13
CA TYR A 174 10.49 22.07 2.28
C TYR A 174 9.03 22.12 1.88
N ILE A 175 8.17 21.50 2.70
CA ILE A 175 6.73 21.51 2.45
C ILE A 175 6.05 22.32 3.54
N PRO A 176 5.82 23.62 3.34
CA PRO A 176 5.27 24.45 4.41
C PRO A 176 3.76 24.28 4.56
N CYS A 177 3.24 24.91 5.61
CA CYS A 177 1.81 24.91 5.97
C CYS A 177 0.88 24.95 4.76
N VAL A 185 2.69 33.00 5.56
CA VAL A 185 2.64 34.31 6.21
C VAL A 185 4.06 34.89 6.36
N GLY A 186 4.57 34.92 7.59
CA GLY A 186 5.97 35.22 7.84
C GLY A 186 6.87 34.05 7.50
N ILE A 187 6.46 33.31 6.46
CA ILE A 187 7.17 32.13 5.99
C ILE A 187 8.62 32.43 5.65
N LYS A 188 8.94 33.70 5.34
CA LYS A 188 10.32 34.08 5.05
C LYS A 188 11.23 33.75 6.21
N GLU A 189 10.88 34.21 7.42
CA GLU A 189 11.64 33.84 8.62
C GLU A 189 11.61 32.33 8.83
N GLU A 190 10.46 31.72 8.57
CA GLU A 190 10.32 30.27 8.69
C GLU A 190 11.39 29.53 7.89
N PHE A 191 11.65 29.97 6.65
CA PHE A 191 12.67 29.34 5.82
C PHE A 191 14.08 29.65 6.33
N ARG A 192 14.29 30.84 6.90
CA ARG A 192 15.63 31.23 7.33
C ARG A 192 16.12 30.36 8.48
N LYS A 193 15.25 30.08 9.45
CA LYS A 193 15.65 29.21 10.55
C LYS A 193 16.02 27.82 10.05
N VAL A 194 15.24 27.29 9.10
CA VAL A 194 15.59 26.01 8.48
C VAL A 194 16.91 26.12 7.74
N ARG A 195 17.04 27.15 6.89
CA ARG A 195 18.25 27.32 6.08
C ARG A 195 19.49 27.45 6.97
N GLU A 196 19.40 28.22 8.06
CA GLU A 196 20.56 28.38 8.93
C GLU A 196 20.84 27.11 9.74
N HIS A 197 19.80 26.33 10.08
CA HIS A 197 20.02 25.08 10.80
C HIS A 197 20.82 24.08 9.94
N PHE A 198 20.49 23.96 8.65
CA PHE A 198 21.12 22.96 7.81
C PHE A 198 22.28 23.50 6.97
N ASP A 199 22.39 24.81 6.79
CA ASP A 199 23.36 25.41 5.87
C ASP A 199 23.36 24.67 4.52
N LEU A 200 22.16 24.59 3.94
CA LEU A 200 21.90 24.09 2.60
C LEU A 200 20.79 24.96 2.03
N PRO A 201 20.70 25.08 0.70
CA PRO A 201 19.55 25.79 0.13
C PRO A 201 18.26 25.05 0.44
N ILE A 202 17.21 25.81 0.73
CA ILE A 202 15.90 25.27 1.07
C ILE A 202 14.94 25.67 -0.04
N VAL A 203 14.33 24.68 -0.69
CA VAL A 203 13.45 24.92 -1.83
C VAL A 203 12.02 24.55 -1.44
N ASP A 204 11.11 25.50 -1.63
CA ASP A 204 9.68 25.25 -1.48
C ASP A 204 9.22 24.21 -2.50
N ARG A 205 8.69 23.10 -1.99
CA ARG A 205 8.28 21.94 -2.79
C ARG A 205 6.95 22.15 -3.50
N ARG A 206 6.25 23.26 -3.29
CA ARG A 206 4.92 23.39 -3.87
C ARG A 206 4.97 23.55 -5.38
N ASP A 207 3.93 23.07 -6.04
CA ASP A 207 3.88 23.04 -7.49
C ASP A 207 3.59 24.43 -8.03
N ILE A 208 4.54 24.97 -8.78
CA ILE A 208 4.39 26.28 -9.40
C ILE A 208 4.06 26.07 -10.86
N CYS A 209 3.11 26.87 -11.36
CA CYS A 209 2.72 26.76 -12.76
C CYS A 209 2.49 28.11 -13.43
N ASP A 210 2.69 29.22 -12.74
CA ASP A 210 2.61 30.55 -13.37
C ASP A 210 3.72 31.42 -12.80
N LYS A 211 4.07 32.44 -13.58
CA LYS A 211 5.19 33.32 -13.23
C LYS A 211 4.93 34.05 -11.91
N LYS A 212 3.70 34.51 -11.71
CA LYS A 212 3.36 35.27 -10.52
C LYS A 212 3.67 34.50 -9.24
N GLU A 213 3.30 33.22 -9.18
CA GLU A 213 3.56 32.47 -7.96
C GLU A 213 5.03 32.10 -7.83
N ALA A 214 5.71 31.85 -8.94
CA ALA A 214 7.14 31.54 -8.87
C ALA A 214 7.92 32.72 -8.29
N ALA A 215 7.63 33.93 -8.78
CA ALA A 215 8.26 35.11 -8.19
C ALA A 215 7.90 35.24 -6.71
N HIS A 216 6.66 34.92 -6.36
CA HIS A 216 6.26 34.97 -4.95
C HIS A 216 7.07 33.98 -4.11
N VAL A 217 7.20 32.75 -4.59
CA VAL A 217 7.92 31.72 -3.85
C VAL A 217 9.39 32.11 -3.65
N LEU A 218 10.01 32.71 -4.68
CA LEU A 218 11.43 33.03 -4.63
C LEU A 218 11.78 34.14 -3.62
N ASN A 219 10.78 34.86 -3.08
CA ASN A 219 11.04 35.82 -2.01
C ASN A 219 11.70 35.17 -0.80
N TYR A 220 11.40 33.90 -0.55
CA TYR A 220 11.85 33.19 0.65
C TYR A 220 12.50 31.86 0.35
N SER A 221 12.24 31.26 -0.80
CA SER A 221 12.80 29.98 -1.20
C SER A 221 13.98 30.20 -2.11
N ASP A 222 14.94 29.26 -2.09
CA ASP A 222 16.08 29.33 -2.99
C ASP A 222 15.77 28.85 -4.39
N GLY A 223 14.59 28.27 -4.60
CA GLY A 223 14.15 27.93 -5.93
C GLY A 223 12.69 27.53 -5.88
N PHE A 224 12.12 27.31 -7.07
CA PHE A 224 10.78 26.77 -7.17
C PHE A 224 10.79 25.60 -8.14
N ILE A 225 9.81 24.71 -7.99
CA ILE A 225 9.71 23.52 -8.83
C ILE A 225 8.43 23.61 -9.64
N VAL A 226 8.56 23.35 -10.94
CA VAL A 226 7.42 23.18 -11.84
C VAL A 226 7.22 21.67 -11.98
N LYS A 227 6.28 21.12 -11.20
CA LYS A 227 6.09 19.68 -11.15
C LYS A 227 5.13 19.18 -12.22
N THR A 228 3.96 19.82 -12.35
CA THR A 228 2.90 19.36 -13.24
C THR A 228 2.95 19.98 -14.64
N ALA A 229 3.27 21.29 -14.75
CA ALA A 229 2.95 22.03 -15.96
C ALA A 229 3.60 21.41 -17.20
N PHE A 230 4.88 21.04 -17.11
CA PHE A 230 5.60 20.48 -18.26
C PHE A 230 4.98 19.15 -18.69
N VAL A 231 4.75 18.24 -17.73
CA VAL A 231 4.13 16.96 -18.05
C VAL A 231 2.77 17.18 -18.70
N HIS A 232 1.96 18.05 -18.11
CA HIS A 232 0.64 18.32 -18.65
C HIS A 232 0.74 18.86 -20.08
N GLN A 233 1.74 19.70 -20.35
CA GLN A 233 1.89 20.26 -21.68
C GLN A 233 2.21 19.19 -22.72
N THR A 234 2.96 18.14 -22.34
CA THR A 234 3.24 17.10 -23.32
C THR A 234 1.96 16.38 -23.72
N THR A 235 0.91 16.45 -22.92
CA THR A 235 -0.37 15.88 -23.30
C THR A 235 -1.25 16.81 -24.12
N MET A 236 -1.00 18.13 -24.08
CA MET A 236 -1.73 19.06 -24.92
C MET A 236 -1.18 19.08 -26.33
N ASP A 237 0.11 19.37 -26.46
CA ASP A 237 0.81 19.39 -27.74
C ASP A 237 2.23 18.96 -27.41
N SER A 238 2.60 17.76 -27.86
CA SER A 238 3.86 17.16 -27.43
C SER A 238 5.09 17.73 -28.14
N SER A 239 4.90 18.61 -29.14
CA SER A 239 6.04 19.20 -29.82
C SER A 239 6.88 20.00 -28.81
N VAL A 240 8.16 19.64 -28.69
CA VAL A 240 8.93 20.08 -27.53
C VAL A 240 9.22 21.57 -27.56
N GLU A 241 9.09 22.23 -28.72
CA GLU A 241 9.19 23.68 -28.77
C GLU A 241 8.27 24.34 -27.76
N THR A 242 7.06 23.81 -27.58
CA THR A 242 6.12 24.39 -26.64
C THR A 242 6.56 24.21 -25.19
N LEU A 243 7.48 23.27 -24.93
CA LEU A 243 8.05 23.15 -23.59
C LEU A 243 9.07 24.25 -23.30
N THR A 244 9.97 24.50 -24.26
CA THR A 244 10.84 25.66 -24.17
C THR A 244 10.03 26.93 -23.91
N ALA A 245 8.99 27.15 -24.73
CA ALA A 245 8.16 28.34 -24.60
C ALA A 245 7.49 28.40 -23.22
N LEU A 246 6.96 27.28 -22.75
CA LEU A 246 6.29 27.27 -21.45
C LEU A 246 7.24 27.62 -20.33
N ALA A 247 8.46 27.05 -20.36
CA ALA A 247 9.48 27.41 -19.39
C ALA A 247 9.72 28.92 -19.37
N GLN A 248 9.85 29.51 -20.55
CA GLN A 248 10.21 30.92 -20.65
C GLN A 248 9.16 31.82 -20.04
N THR A 249 7.87 31.44 -20.14
CA THR A 249 6.80 32.24 -19.57
C THR A 249 6.64 32.03 -18.06
N VAL A 250 7.09 30.89 -17.53
CA VAL A 250 6.90 30.57 -16.11
C VAL A 250 8.05 31.11 -15.26
N ILE A 251 9.28 31.06 -15.78
CA ILE A 251 10.46 31.53 -15.05
C ILE A 251 10.50 33.06 -15.05
N PRO A 252 10.52 33.70 -13.88
CA PRO A 252 10.47 35.17 -13.82
C PRO A 252 11.67 35.84 -14.48
N GLY A 253 11.52 37.14 -14.74
CA GLY A 253 12.59 37.95 -15.30
C GLY A 253 12.81 37.78 -16.79
N PHE B 2 18.58 -15.06 6.04
CA PHE B 2 18.06 -14.28 4.93
C PHE B 2 18.68 -12.88 4.86
N LYS B 3 18.84 -12.40 3.63
CA LYS B 3 19.51 -11.14 3.33
C LYS B 3 18.45 -10.06 3.10
N HIS B 4 18.26 -9.18 4.09
CA HIS B 4 17.26 -8.12 4.01
C HIS B 4 17.83 -6.80 4.53
N LYS B 5 17.60 -5.71 3.79
CA LYS B 5 18.02 -4.39 4.26
C LYS B 5 17.08 -3.85 5.32
N HIS B 6 15.85 -4.38 5.39
CA HIS B 6 14.88 -3.90 6.34
C HIS B 6 14.16 -5.10 6.94
N PRO B 7 13.74 -4.98 8.19
CA PRO B 7 12.74 -5.92 8.71
C PRO B 7 11.45 -5.79 7.93
N PHE B 8 10.67 -6.86 7.88
CA PHE B 8 9.36 -6.77 7.27
C PHE B 8 8.53 -5.74 8.03
N GLY B 9 7.64 -5.07 7.31
CA GLY B 9 6.79 -4.04 7.90
C GLY B 9 7.36 -2.65 7.66
N GLY B 10 7.56 -1.90 8.74
CA GLY B 10 8.06 -0.54 8.65
C GLY B 10 6.98 0.48 8.29
N ALA B 11 7.46 1.70 8.02
CA ALA B 11 6.60 2.82 7.60
C ALA B 11 7.36 3.62 6.54
N PHE B 12 7.23 3.20 5.28
CA PHE B 12 7.91 3.88 4.17
C PHE B 12 6.94 4.91 3.60
N LEU B 13 6.93 6.08 4.22
CA LEU B 13 5.89 7.06 3.99
C LEU B 13 6.47 8.38 3.52
N PRO B 14 5.76 9.10 2.66
CA PRO B 14 6.11 10.50 2.39
C PRO B 14 5.97 11.34 3.65
N GLU B 15 6.67 12.48 3.66
CA GLU B 15 6.72 13.33 4.86
C GLU B 15 5.33 13.66 5.42
N GLU B 16 4.36 13.97 4.55
CA GLU B 16 3.05 14.45 4.98
C GLU B 16 2.27 13.42 5.78
N LEU B 17 2.69 12.16 5.79
CA LEU B 17 2.02 11.14 6.56
C LEU B 17 2.78 10.76 7.83
N LEU B 18 3.97 11.33 8.05
CA LEU B 18 4.77 10.92 9.20
C LEU B 18 4.11 11.35 10.51
N ALA B 19 3.67 12.60 10.60
CA ALA B 19 2.98 13.04 11.81
C ALA B 19 1.69 12.28 12.06
N PRO B 20 0.77 12.12 11.08
CA PRO B 20 -0.45 11.33 11.36
C PRO B 20 -0.15 9.91 11.85
N ILE B 21 0.86 9.27 11.27
CA ILE B 21 1.17 7.88 11.61
C ILE B 21 1.81 7.80 12.99
N GLN B 22 2.70 8.74 13.30
CA GLN B 22 3.28 8.80 14.64
C GLN B 22 2.21 9.05 15.71
N ASN B 23 1.26 9.97 15.47
CA ASN B 23 0.21 10.20 16.45
C ASN B 23 -0.60 8.93 16.69
N LEU B 24 -1.06 8.28 15.61
CA LEU B 24 -1.83 7.06 15.74
C LEU B 24 -1.09 6.04 16.58
N LYS B 25 0.19 5.79 16.22
CA LYS B 25 0.99 4.81 16.94
C LYS B 25 1.04 5.12 18.42
N ALA B 26 1.36 6.37 18.77
CA ALA B 26 1.45 6.75 20.17
C ALA B 26 0.09 6.58 20.86
N GLU B 27 -0.99 7.00 20.19
CA GLU B 27 -2.33 6.89 20.77
C GLU B 27 -2.72 5.42 20.95
N TRP B 28 -2.35 4.59 19.98
CA TRP B 28 -2.76 3.18 20.00
C TRP B 28 -2.09 2.43 21.14
N GLU B 29 -0.83 2.75 21.44
CA GLU B 29 -0.14 2.05 22.51
C GLU B 29 -0.87 2.21 23.83
N ILE B 30 -1.49 3.37 24.04
CA ILE B 30 -2.25 3.57 25.27
C ILE B 30 -3.57 2.82 25.21
N LEU B 31 -4.21 2.84 24.03
CA LEU B 31 -5.60 2.44 23.93
C LEU B 31 -5.77 0.92 24.00
N LYS B 32 -4.82 0.17 23.44
CA LYS B 32 -4.95 -1.28 23.38
C LYS B 32 -4.92 -1.94 24.74
N THR B 33 -4.55 -1.23 25.80
CA THR B 33 -4.61 -1.81 27.15
C THR B 33 -5.57 -1.07 28.06
N GLN B 34 -6.39 -0.18 27.49
CA GLN B 34 -7.38 0.55 28.27
C GLN B 34 -8.61 -0.34 28.44
N GLN B 35 -8.92 -0.70 29.69
CA GLN B 35 -9.95 -1.70 29.94
C GLN B 35 -11.32 -1.24 29.46
N SER B 36 -11.64 0.04 29.63
CA SER B 36 -12.94 0.53 29.20
C SER B 36 -13.10 0.42 27.69
N PHE B 37 -12.04 0.67 26.93
CA PHE B 37 -12.13 0.49 25.49
C PHE B 37 -12.28 -0.98 25.13
N LEU B 38 -11.47 -1.85 25.75
CA LEU B 38 -11.58 -3.28 25.48
C LEU B 38 -12.96 -3.81 25.87
N SER B 39 -13.48 -3.39 27.02
CA SER B 39 -14.80 -3.84 27.44
C SER B 39 -15.89 -3.39 26.47
N GLU B 40 -15.88 -2.12 26.07
CA GLU B 40 -16.93 -1.65 25.17
C GLU B 40 -16.85 -2.36 23.83
N LEU B 41 -15.65 -2.59 23.30
CA LEU B 41 -15.53 -3.30 22.03
C LEU B 41 -16.05 -4.73 22.16
N ASP B 42 -15.77 -5.36 23.30
CA ASP B 42 -16.33 -6.67 23.59
C ASP B 42 -17.86 -6.65 23.54
N CYS B 43 -18.47 -5.67 24.20
N CYS B 43 -18.47 -5.66 24.21
CA CYS B 43 -19.93 -5.61 24.23
CA CYS B 43 -19.93 -5.58 24.25
C CYS B 43 -20.51 -5.43 22.83
C CYS B 43 -20.50 -5.43 22.84
N ILE B 44 -19.90 -4.58 22.02
CA ILE B 44 -20.40 -4.34 20.68
C ILE B 44 -20.28 -5.60 19.83
N LEU B 45 -19.14 -6.31 19.94
CA LEU B 45 -18.96 -7.52 19.14
C LEU B 45 -19.97 -8.59 19.51
N LYS B 46 -20.36 -8.64 20.79
CA LYS B 46 -21.38 -9.61 21.20
C LYS B 46 -22.80 -9.18 20.77
N ASN B 47 -23.23 -7.97 21.15
CA ASN B 47 -24.65 -7.64 21.04
C ASN B 47 -25.04 -7.07 19.70
N TYR B 48 -24.08 -6.58 18.92
CA TYR B 48 -24.33 -6.02 17.60
C TYR B 48 -23.82 -6.92 16.48
N ALA B 49 -22.59 -7.44 16.58
CA ALA B 49 -22.02 -8.22 15.49
C ALA B 49 -22.33 -9.71 15.58
N GLY B 50 -22.67 -10.24 16.74
CA GLY B 50 -23.04 -11.63 16.89
C GLY B 50 -21.95 -12.57 17.35
N ARG B 51 -20.82 -12.05 17.82
CA ARG B 51 -19.82 -12.90 18.46
C ARG B 51 -20.39 -13.45 19.78
N GLN B 52 -20.01 -14.68 20.12
CA GLN B 52 -19.01 -15.42 19.36
C GLN B 52 -19.63 -16.30 18.28
N THR B 53 -18.93 -16.38 17.15
CA THR B 53 -19.38 -17.19 16.05
C THR B 53 -19.18 -18.66 16.38
N PRO B 54 -20.03 -19.55 15.87
CA PRO B 54 -19.91 -20.96 16.22
C PRO B 54 -18.73 -21.62 15.51
N LEU B 55 -18.37 -22.80 16.03
CA LEU B 55 -17.43 -23.73 15.39
C LEU B 55 -18.24 -24.95 14.97
N THR B 56 -18.38 -25.15 13.66
CA THR B 56 -19.27 -26.17 13.10
C THR B 56 -18.46 -27.36 12.62
N GLU B 57 -18.72 -28.54 13.19
CA GLU B 57 -18.16 -29.76 12.60
C GLU B 57 -18.92 -30.08 11.33
N VAL B 58 -18.20 -30.39 10.26
CA VAL B 58 -18.87 -30.63 8.99
C VAL B 58 -18.64 -32.07 8.54
N LYS B 59 -19.45 -33.00 9.09
CA LYS B 59 -19.19 -34.43 8.91
C LYS B 59 -19.50 -34.90 7.49
N ASN B 60 -20.51 -34.32 6.85
CA ASN B 60 -20.81 -34.72 5.47
C ASN B 60 -19.69 -34.29 4.53
N PHE B 61 -19.24 -33.03 4.66
CA PHE B 61 -18.12 -32.54 3.86
C PHE B 61 -16.90 -33.42 4.05
N ALA B 62 -16.54 -33.68 5.32
CA ALA B 62 -15.40 -34.53 5.63
C ALA B 62 -15.54 -35.89 4.95
N ARG B 63 -16.71 -36.50 5.04
CA ARG B 63 -16.93 -37.79 4.40
C ARG B 63 -16.75 -37.69 2.89
N ALA B 64 -17.32 -36.65 2.27
CA ALA B 64 -17.28 -36.51 0.82
C ALA B 64 -15.88 -36.26 0.28
N ILE B 65 -14.97 -35.72 1.08
CA ILE B 65 -13.60 -35.49 0.63
C ILE B 65 -12.64 -36.52 1.20
N ASP B 66 -13.15 -37.54 1.91
CA ASP B 66 -12.33 -38.59 2.51
C ASP B 66 -11.34 -38.00 3.52
N GLY B 67 -11.84 -37.09 4.36
CA GLY B 67 -10.99 -36.35 5.25
C GLY B 67 -11.16 -36.78 6.70
N PRO B 68 -10.41 -36.14 7.59
CA PRO B 68 -10.50 -36.49 9.02
C PRO B 68 -11.58 -35.67 9.71
N ARG B 69 -11.40 -35.37 10.99
CA ARG B 69 -12.36 -34.53 11.68
C ARG B 69 -12.19 -33.08 11.25
N VAL B 70 -13.24 -32.46 10.74
CA VAL B 70 -13.14 -31.15 10.10
C VAL B 70 -14.13 -30.20 10.74
N PHE B 71 -13.63 -29.03 11.15
CA PHE B 71 -14.44 -27.99 11.76
C PHE B 71 -14.27 -26.70 10.97
N LEU B 72 -15.32 -25.89 10.96
CA LEU B 72 -15.34 -24.59 10.31
C LEU B 72 -15.57 -23.52 11.36
N LYS B 73 -14.66 -22.55 11.45
CA LYS B 73 -14.91 -21.36 12.26
C LYS B 73 -15.80 -20.44 11.44
N ARG B 74 -16.99 -20.13 11.96
CA ARG B 74 -18.08 -19.57 11.14
C ARG B 74 -18.09 -18.03 11.17
N GLU B 75 -17.02 -17.44 10.62
CA GLU B 75 -17.07 -15.99 10.45
C GLU B 75 -18.09 -15.56 9.39
N ASP B 76 -18.62 -16.48 8.59
CA ASP B 76 -19.76 -16.16 7.73
C ASP B 76 -21.00 -15.72 8.52
N LEU B 77 -21.12 -16.13 9.79
CA LEU B 77 -22.30 -15.76 10.57
C LEU B 77 -22.16 -14.43 11.27
N LEU B 78 -21.00 -13.77 11.12
CA LEU B 78 -20.87 -12.42 11.67
C LEU B 78 -21.77 -11.46 10.92
N HIS B 79 -22.21 -10.40 11.61
CA HIS B 79 -22.95 -9.36 10.93
C HIS B 79 -22.13 -8.85 9.76
N THR B 80 -22.79 -8.64 8.61
CA THR B 80 -22.26 -8.31 7.29
C THR B 80 -21.66 -9.53 6.59
N GLY B 81 -21.50 -10.66 7.27
CA GLY B 81 -21.16 -11.89 6.60
C GLY B 81 -19.69 -12.11 6.36
N ALA B 82 -18.82 -11.32 6.97
CA ALA B 82 -17.40 -11.62 6.88
C ALA B 82 -16.69 -11.04 8.09
N HIS B 83 -15.51 -11.60 8.35
CA HIS B 83 -14.64 -11.20 9.45
C HIS B 83 -14.23 -9.72 9.43
N LEU B 85 -15.67 -7.05 9.65
CA LEU B 85 -16.33 -6.18 10.61
C LEU B 85 -15.63 -6.14 11.99
N ASN B 86 -14.98 -7.24 12.38
CA ASN B 86 -14.16 -7.22 13.59
C ASN B 86 -13.22 -6.02 13.57
N ASN B 87 -12.52 -5.83 12.44
CA ASN B 87 -11.54 -4.76 12.30
C ASN B 87 -12.21 -3.41 12.08
N ALA B 88 -13.29 -3.38 11.29
CA ALA B 88 -14.01 -2.12 11.08
C ALA B 88 -14.54 -1.58 12.39
N LEU B 89 -15.13 -2.44 13.23
CA LEU B 89 -15.66 -1.95 14.51
C LEU B 89 -14.52 -1.54 15.43
N GLY B 90 -13.45 -2.33 15.50
CA GLY B 90 -12.32 -1.94 16.33
C GLY B 90 -11.75 -0.58 15.94
N GLN B 91 -11.50 -0.38 14.65
CA GLN B 91 -10.84 0.86 14.24
C GLN B 91 -11.78 2.05 14.35
N CYS B 92 -13.06 1.85 14.07
CA CYS B 92 -14.00 2.96 14.18
C CYS B 92 -14.29 3.29 15.64
N LEU B 93 -14.30 2.27 16.52
CA LEU B 93 -14.36 2.56 17.95
C LEU B 93 -13.09 3.28 18.41
N LEU B 94 -11.93 2.87 17.87
CA LEU B 94 -10.68 3.57 18.15
C LEU B 94 -10.79 5.03 17.74
N ALA B 95 -11.29 5.28 16.52
CA ALA B 95 -11.52 6.66 16.07
C ALA B 95 -12.34 7.43 17.09
N LYS B 96 -13.49 6.87 17.48
CA LYS B 96 -14.37 7.55 18.42
C LYS B 96 -13.64 7.88 19.72
N TYR B 97 -12.87 6.92 20.25
CA TYR B 97 -12.17 7.15 21.51
C TYR B 97 -11.08 8.20 21.36
N LEU B 98 -10.39 8.25 20.21
CA LEU B 98 -9.37 9.29 20.03
C LEU B 98 -9.97 10.64 19.69
N GLY B 99 -11.30 10.76 19.66
CA GLY B 99 -11.94 12.02 19.39
C GLY B 99 -12.20 12.33 17.93
N LYS B 100 -11.91 11.40 17.03
CA LYS B 100 -12.24 11.63 15.63
C LYS B 100 -13.76 11.59 15.43
N THR B 101 -14.25 12.43 14.54
CA THR B 101 -15.66 12.43 14.20
C THR B 101 -15.89 11.84 12.82
N ARG B 102 -14.83 11.51 12.12
CA ARG B 102 -14.89 11.16 10.71
C ARG B 102 -13.95 9.99 10.48
N VAL B 103 -14.32 9.12 9.54
CA VAL B 103 -13.50 7.99 9.15
C VAL B 103 -13.43 8.00 7.63
N VAL B 104 -12.22 7.80 7.09
CA VAL B 104 -12.00 7.79 5.65
C VAL B 104 -11.36 6.47 5.26
N ALA B 105 -11.79 5.93 4.12
CA ALA B 105 -11.29 4.66 3.61
C ALA B 105 -11.24 4.75 2.08
N GLU B 106 -10.67 3.72 1.47
CA GLU B 106 -10.84 3.53 0.04
C GLU B 106 -11.25 2.09 -0.19
N THR B 107 -11.82 1.82 -1.35
CA THR B 107 -12.32 0.48 -1.58
C THR B 107 -12.25 0.17 -3.06
N GLY B 108 -12.08 -1.12 -3.36
CA GLY B 108 -12.03 -1.55 -4.75
C GLY B 108 -13.30 -2.25 -5.17
N ALA B 109 -13.54 -3.44 -4.62
CA ALA B 109 -14.81 -4.13 -4.84
C ALA B 109 -15.93 -3.59 -3.95
N GLY B 110 -15.60 -3.00 -2.82
CA GLY B 110 -16.60 -2.46 -1.91
C GLY B 110 -16.76 -3.23 -0.61
N GLN B 111 -16.15 -4.41 -0.48
CA GLN B 111 -16.31 -5.21 0.74
C GLN B 111 -15.81 -4.45 1.97
N HIS B 112 -14.64 -3.82 1.87
CA HIS B 112 -14.12 -3.05 3.00
C HIS B 112 -14.92 -1.77 3.19
N GLY B 113 -15.34 -1.13 2.09
CA GLY B 113 -16.18 0.04 2.19
C GLY B 113 -17.47 -0.24 2.92
N VAL B 114 -18.03 -1.44 2.73
CA VAL B 114 -19.31 -1.77 3.37
C VAL B 114 -19.10 -2.00 4.86
N ALA B 115 -18.03 -2.70 5.22
CA ALA B 115 -17.76 -2.96 6.62
C ALA B 115 -17.49 -1.66 7.37
N THR B 116 -16.64 -0.79 6.80
CA THR B 116 -16.37 0.49 7.43
C THR B 116 -17.65 1.30 7.55
N ALA B 117 -18.43 1.37 6.47
CA ALA B 117 -19.68 2.14 6.51
C ALA B 117 -20.64 1.57 7.54
N THR B 118 -20.67 0.24 7.66
CA THR B 118 -21.52 -0.40 8.66
C THR B 118 -21.11 0.00 10.08
N ALA B 119 -19.82 -0.06 10.37
CA ALA B 119 -19.35 0.32 11.71
C ALA B 119 -19.58 1.79 11.99
N CYS B 120 -19.43 2.64 10.97
CA CYS B 120 -19.61 4.08 11.18
C CYS B 120 -21.08 4.42 11.43
N ALA B 121 -21.99 3.74 10.76
CA ALA B 121 -23.41 3.98 11.00
C ALA B 121 -23.78 3.61 12.44
N TYR B 122 -23.36 2.42 12.89
CA TYR B 122 -23.69 2.00 14.25
C TYR B 122 -23.04 2.90 15.30
N LEU B 123 -21.83 3.38 15.05
CA LEU B 123 -21.14 4.23 16.02
C LEU B 123 -21.41 5.72 15.81
N GLY B 124 -22.15 6.11 14.79
CA GLY B 124 -22.46 7.52 14.60
C GLY B 124 -21.31 8.39 14.15
N LEU B 125 -20.43 7.88 13.29
CA LEU B 125 -19.30 8.62 12.72
C LEU B 125 -19.58 8.96 11.27
N ASP B 126 -19.18 10.16 10.86
CA ASP B 126 -19.15 10.48 9.44
C ASP B 126 -18.17 9.56 8.72
N CYS B 127 -18.63 8.94 7.64
CA CYS B 127 -17.86 7.95 6.90
C CYS B 127 -17.71 8.40 5.45
N VAL B 128 -16.48 8.36 4.93
CA VAL B 128 -16.20 8.80 3.57
C VAL B 128 -15.35 7.74 2.87
N VAL B 129 -15.85 7.21 1.76
CA VAL B 129 -15.20 6.12 1.04
C VAL B 129 -14.84 6.61 -0.36
N TYR B 130 -13.54 6.62 -0.66
CA TYR B 130 -13.06 6.93 -2.00
C TYR B 130 -13.02 5.67 -2.85
N MET B 131 -13.52 5.78 -4.08
CA MET B 131 -13.64 4.66 -5.00
C MET B 131 -13.40 5.15 -6.42
N GLY B 132 -12.49 4.49 -7.15
CA GLY B 132 -12.27 4.85 -8.53
C GLY B 132 -13.55 4.73 -9.34
N ALA B 133 -13.78 5.71 -10.23
CA ALA B 133 -15.03 5.76 -10.99
C ALA B 133 -15.28 4.46 -11.77
N LYS B 134 -14.22 3.84 -12.30
CA LYS B 134 -14.40 2.57 -13.00
C LYS B 134 -14.94 1.49 -12.07
N ASP B 135 -14.58 1.54 -10.78
CA ASP B 135 -15.10 0.57 -9.84
C ASP B 135 -16.52 0.90 -9.41
N VAL B 136 -16.83 2.20 -9.29
CA VAL B 136 -18.19 2.64 -9.03
C VAL B 136 -19.12 2.04 -10.07
N GLU B 137 -18.76 2.17 -11.36
CA GLU B 137 -19.59 1.62 -12.43
C GLU B 137 -19.70 0.10 -12.33
N ARG B 138 -18.63 -0.58 -11.91
CA ARG B 138 -18.67 -2.04 -11.81
C ARG B 138 -19.37 -2.55 -10.56
N GLN B 139 -19.58 -1.71 -9.55
CA GLN B 139 -20.04 -2.17 -8.24
C GLN B 139 -21.22 -1.36 -7.75
N LYS B 140 -22.14 -1.02 -8.65
CA LYS B 140 -23.29 -0.21 -8.25
C LYS B 140 -24.07 -0.81 -7.08
N PRO B 141 -24.24 -2.13 -6.96
CA PRO B 141 -24.88 -2.65 -5.73
C PRO B 141 -24.16 -2.28 -4.44
N ASN B 142 -22.84 -2.45 -4.35
CA ASN B 142 -22.13 -2.06 -3.14
C ASN B 142 -22.08 -0.55 -2.95
N VAL B 143 -22.07 0.21 -4.04
CA VAL B 143 -22.14 1.66 -3.91
C VAL B 143 -23.47 2.08 -3.29
N GLU B 144 -24.56 1.49 -3.76
CA GLU B 144 -25.87 1.80 -3.20
C GLU B 144 -25.95 1.39 -1.75
N LYS B 145 -25.36 0.24 -1.40
CA LYS B 145 -25.36 -0.23 -0.02
C LYS B 145 -24.61 0.75 0.89
N MET B 146 -23.41 1.16 0.48
CA MET B 146 -22.64 2.13 1.27
C MET B 146 -23.39 3.44 1.44
N ARG B 147 -24.06 3.89 0.38
CA ARG B 147 -24.85 5.11 0.50
C ARG B 147 -26.06 4.92 1.41
N PHE B 148 -26.76 3.77 1.32
CA PHE B 148 -27.84 3.51 2.27
C PHE B 148 -27.32 3.45 3.69
N LEU B 149 -26.11 2.92 3.89
CA LEU B 149 -25.51 2.93 5.21
C LEU B 149 -25.05 4.33 5.64
N GLY B 150 -25.26 5.35 4.80
CA GLY B 150 -24.95 6.71 5.17
C GLY B 150 -23.56 7.17 4.81
N ALA B 151 -22.77 6.32 4.17
CA ALA B 151 -21.44 6.74 3.77
C ALA B 151 -21.53 7.69 2.58
N GLU B 152 -20.59 8.63 2.53
CA GLU B 152 -20.35 9.38 1.32
C GLU B 152 -19.39 8.59 0.45
N VAL B 153 -19.85 8.19 -0.73
CA VAL B 153 -19.01 7.47 -1.68
C VAL B 153 -18.50 8.48 -2.70
N VAL B 154 -17.21 8.79 -2.63
CA VAL B 154 -16.60 9.73 -3.56
C VAL B 154 -16.12 8.96 -4.78
N SER B 155 -16.73 9.25 -5.92
CA SER B 155 -16.34 8.65 -7.19
C SER B 155 -15.14 9.42 -7.72
N VAL B 156 -13.98 8.77 -7.75
CA VAL B 156 -12.74 9.42 -8.15
C VAL B 156 -12.63 9.36 -9.68
N THR B 157 -12.78 10.51 -10.33
CA THR B 157 -12.67 10.60 -11.78
C THR B 157 -11.34 11.19 -12.21
N LYS B 158 -10.42 11.42 -11.27
CA LYS B 158 -9.09 11.91 -11.57
C LYS B 158 -8.18 10.77 -12.00
N GLY B 159 -7.18 11.11 -12.82
CA GLY B 159 -6.19 10.12 -13.22
C GLY B 159 -6.80 9.04 -14.08
N SER B 160 -6.61 7.79 -13.68
CA SER B 160 -7.13 6.65 -14.44
C SER B 160 -8.38 6.04 -13.80
N CYS B 161 -8.95 6.70 -12.79
CA CYS B 161 -10.25 6.34 -12.22
C CYS B 161 -10.27 4.93 -11.65
N GLY B 162 -9.20 4.53 -10.95
CA GLY B 162 -9.16 3.20 -10.38
C GLY B 162 -8.81 3.15 -8.90
N LEU B 163 -8.62 1.95 -8.37
CA LEU B 163 -8.17 1.81 -6.99
C LEU B 163 -6.95 2.70 -6.70
N LYS B 164 -5.95 2.67 -7.59
CA LYS B 164 -4.74 3.46 -7.38
C LYS B 164 -5.07 4.92 -7.15
N ASP B 165 -6.03 5.45 -7.91
CA ASP B 165 -6.39 6.86 -7.78
C ASP B 165 -7.22 7.11 -6.52
N ALA B 166 -8.05 6.15 -6.11
CA ALA B 166 -8.79 6.32 -4.86
C ALA B 166 -7.84 6.30 -3.66
N VAL B 167 -6.89 5.36 -3.63
CA VAL B 167 -5.86 5.31 -2.59
C VAL B 167 -5.18 6.66 -2.45
N ASN B 168 -4.74 7.23 -3.58
CA ASN B 168 -4.12 8.54 -3.53
C ASN B 168 -5.07 9.58 -2.96
N GLN B 169 -6.35 9.56 -3.38
CA GLN B 169 -7.30 10.53 -2.85
C GLN B 169 -7.54 10.33 -1.36
N ALA B 170 -7.65 9.08 -0.91
CA ALA B 170 -7.91 8.83 0.50
C ALA B 170 -6.76 9.30 1.38
N LEU B 171 -5.52 8.97 0.98
CA LEU B 171 -4.35 9.38 1.76
C LEU B 171 -4.20 10.89 1.74
N GLN B 172 -4.52 11.53 0.62
CA GLN B 172 -4.48 12.99 0.59
C GLN B 172 -5.51 13.56 1.54
N ASP B 173 -6.68 12.93 1.64
CA ASP B 173 -7.69 13.39 2.58
C ASP B 173 -7.17 13.25 4.01
N TRP B 174 -6.65 12.06 4.37
CA TRP B 174 -6.17 11.85 5.72
C TRP B 174 -5.06 12.84 6.08
N ALA B 175 -4.16 13.13 5.14
CA ALA B 175 -3.09 14.07 5.45
C ALA B 175 -3.65 15.45 5.81
N THR B 176 -4.79 15.82 5.21
CA THR B 176 -5.42 17.09 5.53
C THR B 176 -6.27 17.00 6.80
N THR B 177 -6.95 15.87 7.05
CA THR B 177 -8.02 15.85 8.02
C THR B 177 -7.73 15.01 9.26
N HIS B 178 -6.51 14.51 9.41
CA HIS B 178 -6.22 13.48 10.41
C HIS B 178 -6.44 13.97 11.83
N SER B 179 -6.44 15.27 12.07
CA SER B 179 -6.71 15.75 13.42
C SER B 179 -8.12 15.40 13.88
N PHE B 180 -9.04 15.13 12.93
CA PHE B 180 -10.40 14.74 13.28
C PHE B 180 -10.87 13.54 12.48
N THR B 181 -10.05 13.01 11.58
CA THR B 181 -10.43 11.86 10.76
C THR B 181 -9.47 10.70 11.04
N HIS B 182 -10.03 9.53 11.27
CA HIS B 182 -9.25 8.30 11.29
C HIS B 182 -9.30 7.68 9.91
N TYR B 183 -8.19 7.08 9.51
CA TYR B 183 -8.06 6.38 8.26
C TYR B 183 -8.16 4.89 8.57
N CYS B 184 -9.14 4.23 7.97
CA CYS B 184 -9.46 2.85 8.31
C CYS B 184 -8.92 1.93 7.22
N LEU B 185 -7.89 1.12 7.56
CA LEU B 185 -7.27 0.17 6.62
C LEU B 185 -7.88 -1.20 6.80
N GLY B 186 -8.18 -1.86 5.68
CA GLY B 186 -8.97 -3.09 5.69
C GLY B 186 -8.27 -4.39 5.98
N SER B 187 -6.95 -4.44 5.92
CA SER B 187 -6.27 -5.72 6.02
C SER B 187 -4.98 -5.52 6.81
N ALA B 188 -4.27 -6.62 7.04
CA ALA B 188 -3.05 -6.59 7.83
C ALA B 188 -1.85 -6.08 7.03
N LEU B 189 -2.07 -5.06 6.21
CA LEU B 189 -1.11 -4.36 5.38
C LEU B 189 -0.92 -2.95 5.92
N GLY B 190 -0.03 -2.20 5.28
CA GLY B 190 0.10 -0.80 5.55
C GLY B 190 1.29 -0.47 6.42
N PRO B 191 1.58 0.81 6.56
CA PRO B 191 2.66 1.22 7.46
C PRO B 191 2.28 0.92 8.89
N LEU B 192 3.30 0.60 9.68
CA LEU B 192 3.14 0.57 11.13
C LEU B 192 2.40 1.82 11.58
N PRO B 193 1.40 1.71 12.48
CA PRO B 193 1.03 0.52 13.27
C PRO B 193 -0.16 -0.30 12.75
N TYR B 194 -0.56 -0.13 11.49
CA TYR B 194 -1.78 -0.81 11.03
C TYR B 194 -1.70 -2.33 11.06
N PRO B 195 -0.60 -2.99 10.63
CA PRO B 195 -0.56 -4.46 10.81
C PRO B 195 -0.77 -4.91 12.24
N ASP B 196 -0.20 -4.21 13.23
CA ASP B 196 -0.49 -4.56 14.61
C ASP B 196 -1.97 -4.30 14.97
N ILE B 197 -2.52 -3.15 14.56
CA ILE B 197 -3.90 -2.81 14.90
C ILE B 197 -4.87 -3.84 14.32
N VAL B 198 -4.71 -4.18 13.04
CA VAL B 198 -5.67 -5.10 12.42
C VAL B 198 -5.56 -6.47 13.05
N ARG B 199 -4.33 -6.94 13.24
CA ARG B 199 -4.10 -8.24 13.89
C ARG B 199 -4.72 -8.27 15.28
N PHE B 200 -4.56 -7.19 16.05
CA PHE B 200 -5.14 -7.13 17.39
C PHE B 200 -6.66 -7.32 17.35
N PHE B 201 -7.34 -6.68 16.39
CA PHE B 201 -8.79 -6.77 16.31
C PHE B 201 -9.27 -8.08 15.67
N GLN B 202 -8.44 -8.81 14.93
CA GLN B 202 -8.87 -10.11 14.42
C GLN B 202 -8.46 -11.28 15.32
N SER B 203 -7.63 -11.05 16.33
CA SER B 203 -7.17 -12.14 17.19
C SER B 203 -8.30 -12.79 17.96
N VAL B 204 -9.43 -12.08 18.15
CA VAL B 204 -10.59 -12.65 18.82
C VAL B 204 -11.03 -13.96 18.17
N ILE B 205 -10.79 -14.12 16.86
CA ILE B 205 -11.17 -15.35 16.17
C ILE B 205 -10.48 -16.55 16.81
N SER B 206 -9.17 -16.48 17.00
CA SER B 206 -8.48 -17.67 17.51
C SER B 206 -8.66 -17.82 19.01
N ALA B 207 -8.85 -16.71 19.74
CA ALA B 207 -9.22 -16.83 21.15
C ALA B 207 -10.51 -17.62 21.31
N GLU B 208 -11.49 -17.37 20.44
CA GLU B 208 -12.73 -18.14 20.48
C GLU B 208 -12.49 -19.59 20.07
N VAL B 209 -11.75 -19.81 18.97
CA VAL B 209 -11.50 -21.18 18.50
C VAL B 209 -10.83 -22.00 19.60
N LYS B 210 -9.85 -21.41 20.29
CA LYS B 210 -9.15 -22.12 21.37
C LYS B 210 -10.14 -22.64 22.41
N GLU B 211 -11.07 -21.78 22.85
CA GLU B 211 -12.10 -22.23 23.79
C GLU B 211 -13.02 -23.26 23.15
N GLN B 212 -13.47 -23.03 21.93
CA GLN B 212 -14.46 -23.91 21.34
C GLN B 212 -13.87 -25.29 21.01
N ILE B 213 -12.64 -25.36 20.47
CA ILE B 213 -12.10 -26.67 20.09
C ILE B 213 -11.72 -27.46 21.35
N HIS B 214 -11.31 -26.78 22.41
CA HIS B 214 -11.10 -27.48 23.67
C HIS B 214 -12.40 -28.01 24.24
N ALA B 215 -13.51 -27.31 24.00
CA ALA B 215 -14.79 -27.76 24.52
C ALA B 215 -15.27 -29.04 23.83
N VAL B 216 -15.10 -29.15 22.51
CA VAL B 216 -15.58 -30.35 21.81
C VAL B 216 -14.57 -31.47 21.74
N ALA B 217 -13.27 -31.18 21.80
CA ALA B 217 -12.26 -32.19 21.56
C ALA B 217 -11.20 -32.29 22.65
N GLY B 218 -11.14 -31.36 23.59
CA GLY B 218 -10.17 -31.46 24.65
C GLY B 218 -8.73 -31.21 24.27
N ARG B 219 -8.45 -30.70 23.07
CA ARG B 219 -7.07 -30.45 22.68
C ARG B 219 -7.03 -29.46 21.53
N ASP B 220 -5.84 -28.90 21.31
CA ASP B 220 -5.64 -28.01 20.19
C ASP B 220 -5.79 -28.77 18.88
N PRO B 221 -6.14 -28.08 17.80
CA PRO B 221 -6.22 -28.75 16.50
C PRO B 221 -4.85 -29.16 16.01
N ASP B 222 -4.84 -30.03 15.00
CA ASP B 222 -3.58 -30.35 14.34
C ASP B 222 -3.26 -29.41 13.19
N ILE B 223 -4.26 -28.83 12.54
CA ILE B 223 -4.06 -28.02 11.34
C ILE B 223 -5.05 -26.86 11.32
N LEU B 224 -4.56 -25.66 11.06
CA LEU B 224 -5.37 -24.48 10.78
C LEU B 224 -5.13 -24.05 9.34
N ILE B 225 -6.21 -23.85 8.58
CA ILE B 225 -6.13 -23.44 7.19
C ILE B 225 -6.96 -22.17 7.02
N ALA B 226 -6.39 -21.15 6.41
CA ALA B 226 -7.12 -19.91 6.14
C ALA B 226 -6.65 -19.35 4.82
N CYS B 227 -7.55 -18.66 4.12
CA CYS B 227 -7.15 -17.97 2.88
C CYS B 227 -6.39 -16.69 3.21
N ILE B 228 -5.69 -16.16 2.22
CA ILE B 228 -4.81 -15.01 2.39
C ILE B 228 -5.05 -14.04 1.24
N GLY B 229 -5.78 -12.95 1.52
CA GLY B 229 -5.90 -11.84 0.59
C GLY B 229 -4.84 -10.81 0.94
N GLY B 230 -5.03 -10.10 2.05
CA GLY B 230 -3.96 -9.29 2.59
C GLY B 230 -3.39 -9.91 3.85
N GLY B 231 -4.16 -10.80 4.47
CA GLY B 231 -3.70 -11.56 5.61
C GLY B 231 -4.48 -11.36 6.89
N SER B 232 -5.59 -10.60 6.91
CA SER B 232 -6.13 -10.23 8.22
C SER B 232 -6.90 -11.38 8.86
N ASN B 233 -7.74 -12.11 8.11
CA ASN B 233 -8.49 -13.18 8.79
C ASN B 233 -7.54 -14.30 9.21
N ALA B 234 -6.51 -14.58 8.40
CA ALA B 234 -5.59 -15.67 8.73
C ALA B 234 -4.75 -15.35 9.97
N ILE B 235 -4.21 -14.12 10.07
CA ILE B 235 -3.37 -13.80 11.22
C ILE B 235 -4.19 -13.80 12.50
N GLY B 236 -5.48 -13.44 12.44
CA GLY B 236 -6.29 -13.45 13.65
C GLY B 236 -6.70 -14.85 14.04
N PHE B 237 -6.98 -15.65 13.02
CA PHE B 237 -7.27 -17.08 13.17
C PHE B 237 -6.03 -17.86 13.65
N PHE B 238 -4.83 -17.46 13.22
CA PHE B 238 -3.62 -18.17 13.66
C PHE B 238 -3.17 -17.77 15.07
N HIS B 239 -3.52 -16.55 15.50
CA HIS B 239 -2.69 -15.81 16.45
C HIS B 239 -2.42 -16.59 17.73
N HIS B 240 -3.47 -17.04 18.43
CA HIS B 240 -3.30 -17.70 19.72
C HIS B 240 -2.79 -19.13 19.64
N PHE B 241 -2.66 -19.69 18.43
CA PHE B 241 -2.02 -20.99 18.28
C PHE B 241 -0.58 -20.90 17.81
N ILE B 242 -0.12 -19.73 17.36
CA ILE B 242 1.24 -19.59 16.85
C ILE B 242 2.29 -20.16 17.81
N PRO B 243 2.21 -19.92 19.13
CA PRO B 243 3.24 -20.50 20.02
C PRO B 243 3.18 -22.01 20.22
N ASN B 244 2.16 -22.71 19.68
CA ASN B 244 2.07 -24.17 19.84
C ASN B 244 2.71 -24.85 18.63
N PRO B 245 3.89 -25.46 18.78
CA PRO B 245 4.56 -26.05 17.61
C PRO B 245 3.87 -27.29 17.05
N LYS B 246 2.91 -27.87 17.80
CA LYS B 246 2.15 -29.01 17.30
C LYS B 246 0.98 -28.62 16.41
N VAL B 247 0.68 -27.32 16.28
CA VAL B 247 -0.38 -26.82 15.40
C VAL B 247 0.26 -26.35 14.10
N GLN B 248 -0.08 -27.01 12.98
CA GLN B 248 0.37 -26.51 11.69
C GLN B 248 -0.51 -25.36 11.23
N LEU B 249 0.12 -24.41 10.56
CA LEU B 249 -0.51 -23.18 10.08
C LEU B 249 -0.36 -23.15 8.58
N ILE B 250 -1.49 -23.14 7.87
CA ILE B 250 -1.49 -23.11 6.42
C ILE B 250 -2.26 -21.89 5.94
N GLY B 251 -1.61 -21.09 5.10
CA GLY B 251 -2.24 -19.97 4.44
C GLY B 251 -2.31 -20.28 2.96
N VAL B 252 -3.48 -20.02 2.36
CA VAL B 252 -3.76 -20.42 0.99
C VAL B 252 -4.04 -19.16 0.19
N GLU B 253 -3.24 -18.94 -0.85
CA GLU B 253 -3.37 -17.73 -1.66
C GLU B 253 -4.17 -18.06 -2.91
N GLY B 254 -4.60 -17.02 -3.61
CA GLY B 254 -5.32 -17.19 -4.86
C GLY B 254 -4.39 -17.58 -6.00
N GLY B 255 -4.58 -18.80 -6.52
CA GLY B 255 -3.70 -19.35 -7.53
C GLY B 255 -4.15 -19.07 -8.93
N GLY B 256 -5.33 -18.48 -9.09
CA GLY B 256 -5.81 -18.09 -10.41
C GLY B 256 -5.77 -19.24 -11.39
N LEU B 257 -5.13 -18.99 -12.53
CA LEU B 257 -4.95 -20.01 -13.56
C LEU B 257 -3.69 -20.81 -13.37
N GLY B 258 -3.08 -20.77 -12.20
CA GLY B 258 -1.85 -21.49 -11.95
C GLY B 258 -0.61 -20.63 -12.18
N ILE B 259 0.49 -21.06 -11.57
CA ILE B 259 1.72 -20.27 -11.58
C ILE B 259 2.27 -20.13 -12.99
N SER B 260 2.23 -21.21 -13.78
CA SER B 260 2.81 -21.18 -15.12
C SER B 260 2.15 -20.12 -16.02
N SER B 261 0.87 -19.86 -15.83
CA SER B 261 0.17 -18.88 -16.67
C SER B 261 0.52 -17.45 -16.33
N GLY B 262 1.13 -17.19 -15.16
CA GLY B 262 1.32 -15.84 -14.70
C GLY B 262 0.06 -15.12 -14.23
N LYS B 263 -1.10 -15.75 -14.28
CA LYS B 263 -2.35 -15.11 -13.88
C LYS B 263 -2.75 -15.67 -12.51
N HIS B 264 -2.23 -15.05 -11.46
CA HIS B 264 -2.50 -15.51 -10.10
C HIS B 264 -2.24 -14.36 -9.13
N ALA B 265 -2.38 -14.64 -7.83
CA ALA B 265 -2.11 -13.68 -6.76
C ALA B 265 -1.27 -14.32 -5.66
N ALA B 266 -0.37 -15.22 -6.04
CA ALA B 266 0.35 -16.03 -5.05
C ALA B 266 1.70 -15.37 -4.76
N ARG B 267 1.67 -14.36 -3.88
CA ARG B 267 2.88 -13.63 -3.52
C ARG B 267 4.01 -14.57 -3.12
N PHE B 268 3.72 -15.57 -2.30
CA PHE B 268 4.78 -16.43 -1.82
C PHE B 268 5.22 -17.46 -2.84
N ALA B 269 4.44 -17.71 -3.88
CA ALA B 269 4.91 -18.64 -4.91
C ALA B 269 6.03 -18.02 -5.75
N THR B 270 5.82 -16.80 -6.25
CA THR B 270 6.76 -16.20 -7.19
C THR B 270 7.22 -14.81 -6.79
N GLY B 271 6.62 -14.17 -5.79
CA GLY B 271 7.04 -12.85 -5.42
C GLY B 271 8.30 -12.83 -4.58
N ARG B 272 8.69 -11.63 -4.18
CA ARG B 272 9.86 -11.41 -3.35
C ARG B 272 9.70 -10.09 -2.62
N PRO B 273 10.52 -9.84 -1.59
CA PRO B 273 10.31 -8.62 -0.77
C PRO B 273 10.44 -7.33 -1.56
N GLY B 274 9.59 -6.36 -1.21
CA GLY B 274 9.66 -5.05 -1.81
C GLY B 274 8.85 -4.08 -0.97
N VAL B 275 9.04 -2.80 -1.26
CA VAL B 275 8.40 -1.73 -0.52
C VAL B 275 7.26 -1.20 -1.38
N PHE B 276 6.06 -1.16 -0.80
CA PHE B 276 4.85 -0.85 -1.55
C PHE B 276 3.79 -0.41 -0.54
N HIS B 277 3.14 0.72 -0.81
CA HIS B 277 2.09 1.26 0.06
C HIS B 277 2.55 1.41 1.51
N GLY B 278 3.83 1.77 1.69
CA GLY B 278 4.33 2.14 2.98
C GLY B 278 4.91 1.03 3.83
N PHE B 279 5.04 -0.19 3.30
CA PHE B 279 5.55 -1.29 4.10
C PHE B 279 6.34 -2.23 3.20
N TYR B 280 7.13 -3.07 3.84
CA TYR B 280 8.07 -4.00 3.19
C TYR B 280 7.59 -5.43 3.44
N SER B 281 7.34 -6.18 2.37
CA SER B 281 6.78 -7.52 2.47
C SER B 281 6.88 -8.18 1.09
N TYR B 282 6.43 -9.43 0.99
CA TYR B 282 6.49 -10.14 -0.28
C TYR B 282 5.56 -9.48 -1.29
N LEU B 283 6.01 -9.41 -2.53
CA LEU B 283 5.34 -8.55 -3.50
C LEU B 283 5.51 -9.14 -4.90
N LEU B 284 4.42 -9.13 -5.66
CA LEU B 284 4.46 -9.59 -7.04
C LEU B 284 4.96 -8.44 -7.90
N GLN B 285 6.19 -8.54 -8.37
CA GLN B 285 6.88 -7.42 -9.00
C GLN B 285 7.84 -7.98 -10.05
N ASP B 286 8.15 -7.17 -11.05
CA ASP B 286 9.03 -7.63 -12.12
C ASP B 286 10.48 -7.37 -11.73
N ASP B 287 11.41 -7.49 -12.70
CA ASP B 287 12.82 -7.32 -12.41
C ASP B 287 13.14 -5.91 -11.95
N ASP B 288 12.40 -4.92 -12.45
CA ASP B 288 12.66 -3.53 -12.11
C ASP B 288 11.96 -3.10 -10.84
N GLY B 289 11.19 -3.98 -10.22
CA GLY B 289 10.44 -3.61 -9.05
C GLY B 289 9.10 -2.97 -9.33
N GLN B 290 8.61 -3.00 -10.56
CA GLN B 290 7.26 -2.54 -10.85
C GLN B 290 6.29 -3.64 -10.44
N VAL B 291 5.19 -3.23 -9.79
CA VAL B 291 4.23 -4.19 -9.27
C VAL B 291 3.47 -4.84 -10.43
N LEU B 292 3.26 -6.14 -10.33
CA LEU B 292 2.66 -6.91 -11.40
C LEU B 292 1.13 -6.95 -11.27
N GLN B 293 0.47 -7.09 -12.42
CA GLN B 293 -0.96 -7.35 -12.46
C GLN B 293 -1.28 -8.73 -11.87
N THR B 294 -2.38 -8.83 -11.15
CA THR B 294 -2.79 -10.08 -10.50
C THR B 294 -4.12 -10.56 -11.05
N HIS B 295 -4.41 -11.82 -10.77
CA HIS B 295 -5.70 -12.39 -11.13
C HIS B 295 -6.12 -13.40 -10.09
N SER B 296 -7.41 -13.38 -9.76
CA SER B 296 -8.03 -14.45 -8.99
C SER B 296 -9.52 -14.44 -9.28
N ILE B 297 -10.13 -15.62 -9.32
CA ILE B 297 -11.58 -15.68 -9.44
C ILE B 297 -12.22 -14.88 -8.32
N SER B 298 -11.55 -14.76 -7.18
CA SER B 298 -12.10 -14.08 -6.03
C SER B 298 -11.43 -12.72 -5.84
N ALA B 299 -12.22 -11.63 -5.92
CA ALA B 299 -11.63 -10.31 -5.87
C ALA B 299 -10.99 -9.98 -4.51
N GLY B 300 -11.47 -10.58 -3.41
CA GLY B 300 -10.81 -10.41 -2.12
C GLY B 300 -9.39 -10.96 -2.03
N LEU B 301 -8.98 -11.84 -2.95
CA LEU B 301 -7.61 -12.35 -2.95
C LEU B 301 -6.74 -11.69 -4.01
N ASP B 302 -7.31 -10.84 -4.85
CA ASP B 302 -6.65 -10.37 -6.06
C ASP B 302 -5.77 -9.16 -5.76
N TYR B 303 -4.70 -9.40 -5.01
CA TYR B 303 -3.77 -8.34 -4.61
C TYR B 303 -2.33 -8.76 -4.85
N PRO B 304 -1.45 -7.80 -5.14
CA PRO B 304 -0.04 -8.11 -5.35
C PRO B 304 0.79 -8.10 -4.07
N SER B 305 0.15 -7.70 -2.97
CA SER B 305 0.78 -7.49 -1.68
C SER B 305 0.28 -8.52 -0.68
N VAL B 306 1.02 -8.65 0.43
CA VAL B 306 0.62 -9.52 1.53
C VAL B 306 1.22 -8.94 2.81
N GLY B 307 0.54 -9.17 3.93
CA GLY B 307 0.89 -8.53 5.18
C GLY B 307 2.24 -8.99 5.69
N PRO B 308 2.98 -8.07 6.32
CA PRO B 308 4.35 -8.41 6.74
C PRO B 308 4.43 -9.50 7.79
N ASP B 309 3.38 -9.72 8.60
CA ASP B 309 3.46 -10.79 9.59
C ASP B 309 3.50 -12.15 8.92
N HIS B 310 2.82 -12.30 7.78
CA HIS B 310 2.94 -13.56 7.05
C HIS B 310 4.31 -13.68 6.40
N ALA B 311 4.89 -12.57 5.92
CA ALA B 311 6.24 -12.64 5.38
C ALA B 311 7.21 -13.17 6.43
N GLU B 312 7.11 -12.68 7.66
CA GLU B 312 7.96 -13.20 8.73
C GLU B 312 7.78 -14.70 8.91
N MET B 313 6.53 -15.17 8.95
CA MET B 313 6.32 -16.59 9.21
C MET B 313 6.65 -17.45 8.00
N HIS B 314 6.66 -16.88 6.81
CA HIS B 314 7.08 -17.64 5.64
C HIS B 314 8.58 -17.91 5.68
N GLU B 315 9.36 -16.90 6.03
CA GLU B 315 10.80 -17.06 6.04
C GLU B 315 11.29 -17.76 7.30
N SER B 316 10.56 -17.63 8.41
CA SER B 316 10.90 -18.35 9.62
C SER B 316 10.56 -19.83 9.53
N GLY B 317 9.72 -20.22 8.58
CA GLY B 317 9.29 -21.61 8.46
C GLY B 317 8.16 -21.98 9.39
N ARG B 318 7.60 -21.00 10.10
CA ARG B 318 6.55 -21.29 11.07
C ARG B 318 5.25 -21.73 10.40
N ALA B 319 4.92 -21.12 9.25
CA ALA B 319 3.68 -21.41 8.53
C ALA B 319 3.94 -21.78 7.08
N PHE B 320 3.06 -22.63 6.54
CA PHE B 320 3.12 -23.07 5.15
C PHE B 320 2.18 -22.22 4.31
N TYR B 321 2.72 -21.51 3.31
CA TYR B 321 1.91 -20.71 2.39
C TYR B 321 1.82 -21.43 1.04
N THR B 322 0.60 -21.74 0.62
CA THR B 322 0.40 -22.47 -0.62
C THR B 322 -0.65 -21.73 -1.44
N LEU B 323 -1.21 -22.39 -2.45
CA LEU B 323 -2.24 -21.74 -3.25
C LEU B 323 -3.29 -22.75 -3.68
N ALA B 324 -4.39 -22.21 -4.21
CA ALA B 324 -5.40 -23.00 -4.88
C ALA B 324 -5.80 -22.24 -6.13
N THR B 325 -5.93 -22.96 -7.24
CA THR B 325 -6.42 -22.35 -8.47
C THR B 325 -7.91 -22.00 -8.37
N ASP B 326 -8.33 -21.08 -9.23
CA ASP B 326 -9.74 -20.76 -9.40
C ASP B 326 -10.62 -22.01 -9.37
N GLU B 327 -10.23 -23.00 -10.18
CA GLU B 327 -11.10 -24.15 -10.39
C GLU B 327 -11.11 -25.08 -9.18
N GLU B 328 -10.00 -25.18 -8.45
CA GLU B 328 -10.05 -25.89 -7.18
C GLU B 328 -10.95 -25.16 -6.19
N ALA B 329 -10.89 -23.82 -6.18
CA ALA B 329 -11.74 -23.04 -5.30
C ALA B 329 -13.21 -23.21 -5.69
N LEU B 330 -13.51 -23.20 -6.98
CA LEU B 330 -14.88 -23.37 -7.43
C LEU B 330 -15.43 -24.75 -7.03
N ARG B 331 -14.60 -25.79 -7.17
CA ARG B 331 -15.06 -27.14 -6.81
C ARG B 331 -15.34 -27.25 -5.32
N ALA B 332 -14.46 -26.68 -4.49
CA ALA B 332 -14.66 -26.75 -3.05
C ALA B 332 -15.90 -26.00 -2.64
N PHE B 333 -16.13 -24.84 -3.25
CA PHE B 333 -17.36 -24.10 -3.06
C PHE B 333 -18.58 -25.00 -3.20
N PHE B 334 -18.71 -25.68 -4.35
CA PHE B 334 -19.88 -26.52 -4.56
C PHE B 334 -19.93 -27.70 -3.60
N LEU B 335 -18.76 -28.25 -3.24
CA LEU B 335 -18.75 -29.39 -2.33
C LEU B 335 -19.29 -29.00 -0.96
N LEU B 336 -18.89 -27.83 -0.44
CA LEU B 336 -19.36 -27.43 0.88
C LEU B 336 -20.84 -27.08 0.84
N THR B 337 -21.25 -26.34 -0.19
CA THR B 337 -22.66 -25.96 -0.32
C THR B 337 -23.57 -27.17 -0.34
N ARG B 338 -23.24 -28.17 -1.17
CA ARG B 338 -24.13 -29.31 -1.30
C ARG B 338 -24.12 -30.21 -0.07
N ASN B 339 -22.97 -30.33 0.62
CA ASN B 339 -22.88 -31.32 1.70
C ASN B 339 -23.23 -30.76 3.08
N GLU B 340 -23.07 -29.46 3.29
CA GLU B 340 -23.40 -28.85 4.57
C GLU B 340 -24.44 -27.74 4.50
N GLY B 341 -24.87 -27.34 3.29
CA GLY B 341 -25.76 -26.21 3.20
C GLY B 341 -25.17 -24.89 3.66
N ILE B 342 -23.84 -24.81 3.67
CA ILE B 342 -23.11 -23.58 4.00
C ILE B 342 -22.51 -23.05 2.71
N ILE B 343 -22.90 -21.83 2.33
CA ILE B 343 -22.45 -21.21 1.08
C ILE B 343 -21.21 -20.35 1.37
N PRO B 344 -20.00 -20.84 1.13
CA PRO B 344 -18.81 -20.08 1.51
C PRO B 344 -18.45 -19.04 0.48
N ALA B 345 -17.80 -17.98 0.93
CA ALA B 345 -17.18 -17.03 0.02
C ALA B 345 -16.11 -17.72 -0.83
N LEU B 346 -15.96 -17.25 -2.07
CA LEU B 346 -14.91 -17.76 -2.96
C LEU B 346 -13.53 -17.57 -2.35
N GLU B 347 -13.34 -16.51 -1.56
CA GLU B 347 -12.08 -16.34 -0.81
C GLU B 347 -11.80 -17.57 0.07
N SER B 348 -12.70 -17.83 1.03
CA SER B 348 -12.54 -18.99 1.90
C SER B 348 -12.53 -20.30 1.12
N SER B 349 -13.19 -20.34 -0.03
CA SER B 349 -13.17 -21.57 -0.82
C SER B 349 -11.74 -21.97 -1.19
N HIS B 350 -10.79 -21.04 -1.17
CA HIS B 350 -9.40 -21.40 -1.42
C HIS B 350 -8.85 -22.21 -0.26
N ALA B 351 -9.12 -21.80 0.99
CA ALA B 351 -8.79 -22.62 2.13
C ALA B 351 -9.44 -24.00 2.05
N LEU B 352 -10.76 -24.04 1.81
CA LEU B 352 -11.45 -25.32 1.63
C LEU B 352 -10.79 -26.17 0.56
N ALA B 353 -10.37 -25.56 -0.55
CA ALA B 353 -9.82 -26.33 -1.65
C ALA B 353 -8.53 -27.01 -1.23
N HIS B 354 -7.70 -26.33 -0.44
CA HIS B 354 -6.46 -26.96 -0.01
C HIS B 354 -6.74 -28.17 0.87
N LEU B 355 -7.78 -28.09 1.69
CA LEU B 355 -8.17 -29.22 2.51
C LEU B 355 -8.66 -30.37 1.64
N VAL B 356 -9.47 -30.06 0.62
CA VAL B 356 -9.93 -31.08 -0.32
C VAL B 356 -8.75 -31.84 -0.92
N SER B 357 -7.65 -31.14 -1.23
CA SER B 357 -6.60 -31.87 -1.93
C SER B 357 -5.66 -32.63 -0.99
N ILE B 358 -5.56 -32.26 0.29
CA ILE B 358 -4.75 -33.04 1.21
C ILE B 358 -5.56 -34.02 2.04
N ALA B 359 -6.89 -33.91 2.05
CA ALA B 359 -7.69 -34.67 3.01
C ALA B 359 -7.40 -36.17 3.01
N PRO B 360 -7.31 -36.86 1.87
CA PRO B 360 -7.17 -38.34 1.94
C PRO B 360 -5.86 -38.78 2.57
N SER B 361 -4.82 -37.97 2.53
CA SER B 361 -3.57 -38.32 3.18
C SER B 361 -3.56 -38.04 4.68
N LEU B 362 -4.51 -37.29 5.20
CA LEU B 362 -4.44 -37.05 6.64
C LEU B 362 -4.97 -38.27 7.40
N PRO B 363 -4.29 -38.69 8.46
CA PRO B 363 -4.86 -39.73 9.32
C PRO B 363 -6.20 -39.28 9.90
N LYS B 364 -7.14 -40.22 9.98
CA LYS B 364 -8.53 -39.88 10.29
C LYS B 364 -8.71 -39.26 11.68
N GLU B 365 -7.80 -39.50 12.62
CA GLU B 365 -7.94 -38.91 13.95
C GLU B 365 -7.56 -37.43 14.00
N GLN B 366 -6.93 -36.90 12.95
CA GLN B 366 -6.50 -35.50 12.95
C GLN B 366 -7.69 -34.55 12.96
N ILE B 367 -7.45 -33.36 13.52
CA ILE B 367 -8.46 -32.32 13.65
C ILE B 367 -8.02 -31.14 12.80
N VAL B 368 -8.82 -30.80 11.80
CA VAL B 368 -8.53 -29.69 10.91
C VAL B 368 -9.62 -28.64 11.12
N ILE B 369 -9.20 -27.41 11.35
CA ILE B 369 -10.10 -26.27 11.38
C ILE B 369 -9.77 -25.38 10.20
N VAL B 370 -10.78 -25.11 9.38
CA VAL B 370 -10.71 -24.12 8.31
C VAL B 370 -11.42 -22.87 8.79
N ASN B 371 -10.88 -21.71 8.48
CA ASN B 371 -11.52 -20.44 8.85
C ASN B 371 -12.47 -20.03 7.73
N LEU B 372 -13.76 -20.07 8.00
CA LEU B 372 -14.74 -19.73 6.97
C LEU B 372 -14.92 -18.22 7.03
N SER B 373 -14.02 -17.53 6.34
CA SER B 373 -13.88 -16.10 6.55
C SER B 373 -15.15 -15.33 6.15
N GLY B 374 -15.96 -15.89 5.24
CA GLY B 374 -17.22 -15.21 4.90
C GLY B 374 -18.19 -16.07 4.11
N ARG B 375 -19.44 -15.61 4.06
CA ARG B 375 -20.45 -16.29 3.25
C ARG B 375 -20.34 -15.87 1.77
N GLY B 376 -20.87 -16.73 0.90
CA GLY B 376 -20.71 -16.56 -0.54
C GLY B 376 -21.92 -16.12 -1.33
N ASP B 377 -23.00 -15.68 -0.67
CA ASP B 377 -24.13 -15.11 -1.40
C ASP B 377 -23.70 -14.06 -2.41
N LYS B 378 -22.76 -13.19 -2.01
CA LYS B 378 -22.21 -12.17 -2.91
C LYS B 378 -21.54 -12.78 -4.14
N ASP B 379 -21.14 -14.04 -4.10
CA ASP B 379 -20.47 -14.64 -5.24
C ASP B 379 -21.41 -15.41 -6.15
N LEU B 380 -22.67 -15.57 -5.75
CA LEU B 380 -23.59 -16.37 -6.55
C LEU B 380 -23.80 -15.84 -7.96
N PRO B 381 -23.98 -14.54 -8.20
CA PRO B 381 -24.20 -14.12 -9.61
C PRO B 381 -23.05 -14.50 -10.52
N GLN B 382 -21.81 -14.37 -10.04
CA GLN B 382 -20.64 -14.71 -10.85
C GLN B 382 -20.53 -16.22 -11.06
N ILE B 383 -20.75 -17.00 -9.99
CA ILE B 383 -20.69 -18.44 -10.11
C ILE B 383 -21.80 -18.97 -11.02
N ILE B 384 -23.01 -18.41 -10.92
CA ILE B 384 -24.09 -18.85 -11.79
C ILE B 384 -23.74 -18.59 -13.24
N ARG B 385 -22.99 -17.51 -13.52
CA ARG B 385 -22.59 -17.19 -14.90
C ARG B 385 -21.60 -18.20 -15.46
N ARG B 386 -20.79 -18.83 -14.59
CA ARG B 386 -19.86 -19.86 -15.03
C ARG B 386 -20.57 -21.08 -15.62
N ASN B 387 -21.84 -21.30 -15.24
CA ASN B 387 -22.65 -22.41 -15.77
C ASN B 387 -21.97 -23.77 -15.55
N ARG B 388 -21.36 -23.93 -14.39
CA ARG B 388 -20.72 -25.21 -14.08
C ARG B 388 -21.76 -26.32 -13.95
N GLY B 389 -21.35 -27.53 -14.29
CA GLY B 389 -22.07 -28.74 -13.95
C GLY B 389 -21.77 -29.17 -12.52
N ILE B 390 -22.19 -30.38 -12.22
CA ILE B 390 -22.05 -30.89 -10.85
C ILE B 390 -20.61 -31.29 -10.59
N TYR B 391 -20.12 -30.94 -9.41
CA TYR B 391 -18.82 -31.38 -8.95
C TYR B 391 -18.96 -32.54 -7.98
N GLU B 392 -17.92 -33.36 -7.94
CA GLU B 392 -17.78 -34.42 -6.94
C GLU B 392 -16.38 -34.33 -6.37
#